data_5EEG
#
_entry.id   5EEG
#
_cell.length_a   60.562
_cell.length_b   104.180
_cell.length_c   62.986
_cell.angle_alpha   90.00
_cell.angle_beta   105.20
_cell.angle_gamma   90.00
#
_symmetry.space_group_name_H-M   'P 1 21 1'
#
loop_
_entity.id
_entity.type
_entity.pdbx_description
1 polymer 'Carminomycin 4-O-methyltransferase DnrK'
2 non-polymer (2~{R},3~{R},4~{S},5~{S})-2-(6-aminopurin-9-yl)-5-[[(3~{S})-3-azanyl-3-(1~{H}-1,2,3,4-tetrazol-5-yl)propyl]sulfanylmethyl]oxolane-3,4-diol
3 water water
#
_entity_poly.entity_id   1
_entity_poly.type   'polypeptide(L)'
_entity_poly.pdbx_seq_one_letter_code
;MGSSHHHHHHSSGLVPRGSHMTAEPTVAARPQQIDALRTLIRLGSLHTPMVVRTAATLRLVDHILAGARTVKALAARTDT
RPEALLRLIRHLVAIGLLEEDAPGEFVPTEVGELLADDHPAAQRAWHDLTQAVARADISFTRLPDAIRTGRPTYESIYGK
PFYEDLAGRPDLRASFDSLLACDQDVAFDAPAAAYDWTNVRHVLDVGGGKGGFAAAIARRAPHVSATVLEMAGTVDTARS
YLKDEGLSDRVDVVEGDFFEPLPRKADAIILSFVLLNWPDHDAVRILTRCAEALEPGGRILIHERDDLHENSFNEQFTEL
DLRMLVFLGGALRTREKWDGLAASAGLVVEEVRQLPSPTIPYDLSLLVLAPAATGA
;
_entity_poly.pdbx_strand_id   A,B
#
loop_
_chem_comp.id
_chem_comp.type
_chem_comp.name
_chem_comp.formula
S8M RNA linking (2~{R},3~{R},4~{S},5~{S})-2-(6-aminopurin-9-yl)-5-[[(3~{S})-3-azanyl-3-(1~{H}-1,2,3,4-tetrazol-5-yl)propyl]sulfanylmethyl]oxolane-3,4-diol 'C14 H20 N10 O3 S'
#
# COMPACT_ATOMS: atom_id res chain seq x y z
N ASP A 35 -3.55 14.65 -14.86
CA ASP A 35 -2.44 15.57 -14.69
C ASP A 35 -1.55 15.18 -13.49
N ALA A 36 -0.78 16.14 -12.99
CA ALA A 36 0.24 15.82 -11.99
C ALA A 36 -0.39 15.38 -10.67
N LEU A 37 -1.49 16.00 -10.29
CA LEU A 37 -2.19 15.63 -9.06
C LEU A 37 -2.69 14.17 -9.13
N ARG A 38 -3.36 13.82 -10.21
CA ARG A 38 -3.88 12.49 -10.39
C ARG A 38 -2.80 11.44 -10.25
N THR A 39 -1.62 11.69 -10.80
CA THR A 39 -0.53 10.73 -10.77
C THR A 39 -0.03 10.50 -9.36
N LEU A 40 0.11 11.57 -8.57
CA LEU A 40 0.68 11.41 -7.24
C LEU A 40 -0.28 10.69 -6.31
N ILE A 41 -1.58 11.00 -6.42
CA ILE A 41 -2.58 10.32 -5.62
C ILE A 41 -2.57 8.82 -5.93
N ARG A 42 -2.48 8.46 -7.21
CA ARG A 42 -2.42 7.04 -7.58
C ARG A 42 -1.20 6.36 -7.00
N LEU A 43 -0.03 7.03 -7.09
CA LEU A 43 1.20 6.40 -6.61
C LEU A 43 1.18 6.21 -5.09
N GLY A 44 0.61 7.16 -4.35
CA GLY A 44 0.56 7.11 -2.91
C GLY A 44 -0.59 6.34 -2.31
N SER A 45 -1.46 5.79 -3.14
CA SER A 45 -2.68 5.15 -2.68
C SER A 45 -2.36 3.80 -2.05
N LEU A 46 -2.62 3.67 -0.75
CA LEU A 46 -2.41 2.41 -0.07
C LEU A 46 -3.59 1.44 -0.21
N HIS A 47 -4.79 1.96 -0.48
CA HIS A 47 -5.94 1.07 -0.54
C HIS A 47 -5.95 0.25 -1.82
N THR A 48 -5.38 0.77 -2.92
CA THR A 48 -5.44 0.04 -4.18
C THR A 48 -4.67 -1.28 -4.13
N PRO A 49 -3.40 -1.32 -3.71
CA PRO A 49 -2.74 -2.63 -3.61
C PRO A 49 -3.36 -3.52 -2.55
N MET A 50 -3.96 -2.94 -1.50
CA MET A 50 -4.62 -3.77 -0.50
C MET A 50 -5.91 -4.39 -1.05
N VAL A 51 -6.61 -3.68 -1.94
CA VAL A 51 -7.76 -4.26 -2.63
C VAL A 51 -7.32 -5.41 -3.53
N VAL A 52 -6.25 -5.20 -4.31
CA VAL A 52 -5.72 -6.26 -5.16
C VAL A 52 -5.33 -7.47 -4.31
N ARG A 53 -4.69 -7.22 -3.17
CA ARG A 53 -4.29 -8.32 -2.31
C ARG A 53 -5.49 -9.00 -1.65
N THR A 54 -6.47 -8.21 -1.17
CA THR A 54 -7.68 -8.80 -0.60
C THR A 54 -8.39 -9.68 -1.62
N ALA A 55 -8.59 -9.17 -2.85
CA ALA A 55 -9.25 -9.95 -3.89
C ALA A 55 -8.49 -11.22 -4.22
N ALA A 56 -7.15 -11.16 -4.20
CA ALA A 56 -6.36 -12.37 -4.40
C ALA A 56 -6.58 -13.37 -3.27
N THR A 57 -6.62 -12.87 -2.03
CA THR A 57 -6.73 -13.74 -0.87
C THR A 57 -8.09 -14.43 -0.82
N LEU A 58 -9.13 -13.74 -1.28
CA LEU A 58 -10.47 -14.32 -1.32
C LEU A 58 -10.68 -15.27 -2.49
N ARG A 59 -9.67 -15.42 -3.37
CA ARG A 59 -9.79 -16.24 -4.59
C ARG A 59 -10.98 -15.78 -5.43
N LEU A 60 -11.21 -14.46 -5.40
CA LEU A 60 -12.41 -13.88 -5.99
C LEU A 60 -12.48 -14.15 -7.48
N VAL A 61 -11.36 -13.98 -8.17
CA VAL A 61 -11.34 -14.25 -9.60
C VAL A 61 -11.61 -15.73 -9.89
N ASP A 62 -11.09 -16.64 -9.05
CA ASP A 62 -11.39 -18.07 -9.24
C ASP A 62 -12.88 -18.34 -9.10
N HIS A 63 -13.54 -17.68 -8.14
CA HIS A 63 -14.95 -17.95 -7.90
C HIS A 63 -15.80 -17.45 -9.05
N ILE A 64 -15.49 -16.27 -9.58
CA ILE A 64 -16.13 -15.81 -10.81
C ILE A 64 -15.98 -16.85 -11.91
N LEU A 65 -14.76 -17.34 -12.10
CA LEU A 65 -14.50 -18.28 -13.18
C LEU A 65 -15.21 -19.60 -12.95
N ALA A 66 -15.44 -19.99 -11.70
CA ALA A 66 -16.17 -21.21 -11.39
C ALA A 66 -17.68 -20.99 -11.29
N GLY A 67 -18.20 -19.94 -11.90
CA GLY A 67 -19.63 -19.77 -12.07
C GLY A 67 -20.25 -18.68 -11.23
N ALA A 68 -19.59 -18.25 -10.15
CA ALA A 68 -20.19 -17.29 -9.24
C ALA A 68 -20.47 -15.96 -9.94
N ARG A 69 -21.57 -15.93 -10.64
CA ARG A 69 -21.97 -14.80 -11.40
C ARG A 69 -22.25 -13.50 -10.64
N THR A 70 -23.07 -13.61 -9.62
CA THR A 70 -23.60 -12.47 -8.88
C THR A 70 -22.72 -12.10 -7.68
N VAL A 71 -23.03 -10.95 -7.07
CA VAL A 71 -22.42 -10.56 -5.81
C VAL A 71 -22.89 -11.49 -4.68
N LYS A 72 -24.17 -11.86 -4.70
CA LYS A 72 -24.71 -12.75 -3.67
C LYS A 72 -23.96 -14.08 -3.64
N ALA A 73 -23.75 -14.69 -4.80
CA ALA A 73 -23.05 -15.96 -4.83
C ALA A 73 -21.55 -15.78 -4.56
N LEU A 74 -20.95 -14.69 -5.03
CA LEU A 74 -19.54 -14.42 -4.73
C LEU A 74 -19.31 -14.24 -3.23
N ALA A 75 -20.24 -13.56 -2.55
CA ALA A 75 -20.13 -13.37 -1.12
C ALA A 75 -20.25 -14.69 -0.37
N ALA A 76 -21.17 -15.56 -0.80
CA ALA A 76 -21.27 -16.91 -0.24
C ALA A 76 -19.94 -17.66 -0.34
N ARG A 77 -19.34 -17.70 -1.53
CA ARG A 77 -18.13 -18.49 -1.73
C ARG A 77 -16.94 -17.91 -0.97
N THR A 78 -16.87 -16.59 -0.86
CA THR A 78 -15.75 -15.96 -0.16
C THR A 78 -16.03 -15.71 1.30
N ASP A 79 -17.23 -16.04 1.77
CA ASP A 79 -17.62 -15.83 3.17
C ASP A 79 -17.46 -14.36 3.60
N THR A 80 -18.05 -13.44 2.82
CA THR A 80 -18.00 -12.01 3.11
C THR A 80 -19.39 -11.38 3.11
N ARG A 81 -19.48 -10.18 3.68
CA ARG A 81 -20.71 -9.38 3.64
C ARG A 81 -20.98 -8.92 2.22
N PRO A 82 -22.13 -9.28 1.64
CA PRO A 82 -22.44 -8.79 0.29
C PRO A 82 -22.23 -7.28 0.09
N GLU A 83 -22.70 -6.44 1.01
CA GLU A 83 -22.59 -5.00 0.80
C GLU A 83 -21.13 -4.55 0.78
N ALA A 84 -20.29 -5.13 1.64
CA ALA A 84 -18.86 -4.78 1.64
C ALA A 84 -18.16 -5.34 0.40
N LEU A 85 -18.49 -6.56 -0.01
CA LEU A 85 -17.90 -7.12 -1.22
C LEU A 85 -18.19 -6.25 -2.43
N LEU A 86 -19.43 -5.74 -2.54
CA LEU A 86 -19.72 -4.82 -3.63
C LEU A 86 -18.77 -3.62 -3.62
N ARG A 87 -18.52 -3.06 -2.44
CA ARG A 87 -17.64 -1.89 -2.33
C ARG A 87 -16.23 -2.23 -2.80
N LEU A 88 -15.72 -3.40 -2.38
CA LEU A 88 -14.46 -3.90 -2.90
C LEU A 88 -14.48 -4.01 -4.42
N ILE A 89 -15.51 -4.68 -4.95
CA ILE A 89 -15.67 -4.89 -6.39
C ILE A 89 -15.73 -3.57 -7.13
N ARG A 90 -16.32 -2.54 -6.50
CA ARG A 90 -16.39 -1.22 -7.14
C ARG A 90 -15.00 -0.70 -7.48
N HIS A 91 -14.08 -0.80 -6.53
CA HIS A 91 -12.71 -0.36 -6.79
C HIS A 91 -12.00 -1.29 -7.77
N LEU A 92 -12.28 -2.59 -7.71
CA LEU A 92 -11.72 -3.51 -8.71
C LEU A 92 -12.19 -3.18 -10.13
N VAL A 93 -13.44 -2.74 -10.30
CA VAL A 93 -13.84 -2.22 -11.59
C VAL A 93 -13.09 -0.93 -11.91
N ALA A 94 -12.93 -0.04 -10.93
CA ALA A 94 -12.31 1.25 -11.18
C ALA A 94 -10.87 1.09 -11.67
N ILE A 95 -10.15 0.11 -11.13
CA ILE A 95 -8.73 -0.02 -11.46
C ILE A 95 -8.52 -1.04 -12.59
N GLY A 96 -9.62 -1.57 -13.13
CA GLY A 96 -9.55 -2.32 -14.37
C GLY A 96 -9.22 -3.79 -14.24
N LEU A 97 -9.49 -4.39 -13.08
CA LEU A 97 -9.32 -5.82 -12.86
C LEU A 97 -10.61 -6.58 -13.12
N LEU A 98 -11.75 -6.00 -12.78
CA LEU A 98 -13.06 -6.54 -13.14
C LEU A 98 -13.76 -5.56 -14.05
N GLU A 99 -14.71 -6.09 -14.83
CA GLU A 99 -15.67 -5.29 -15.56
C GLU A 99 -17.05 -5.91 -15.37
N GLU A 100 -18.08 -5.13 -15.66
CA GLU A 100 -19.45 -5.61 -15.63
C GLU A 100 -19.82 -6.12 -17.01
N ASP A 101 -20.34 -7.35 -17.07
CA ASP A 101 -20.72 -7.96 -18.34
C ASP A 101 -22.21 -7.72 -18.56
N ALA A 102 -23.03 -8.46 -17.85
CA ALA A 102 -24.47 -8.23 -17.70
C ALA A 102 -24.73 -7.54 -16.37
N PRO A 103 -25.91 -6.89 -16.20
CA PRO A 103 -26.19 -6.16 -14.96
C PRO A 103 -25.98 -7.00 -13.71
N GLY A 104 -25.06 -6.59 -12.84
CA GLY A 104 -24.78 -7.32 -11.63
C GLY A 104 -23.82 -8.49 -11.80
N GLU A 105 -23.42 -8.81 -13.02
CA GLU A 105 -22.49 -9.90 -13.30
C GLU A 105 -21.09 -9.31 -13.53
N PHE A 106 -20.18 -9.58 -12.61
CA PHE A 106 -18.83 -9.05 -12.73
C PHE A 106 -17.87 -10.14 -13.19
N VAL A 107 -16.98 -9.76 -14.09
CA VAL A 107 -16.14 -10.68 -14.85
C VAL A 107 -14.72 -10.12 -14.85
N PRO A 108 -13.70 -10.97 -14.80
CA PRO A 108 -12.33 -10.43 -14.82
C PRO A 108 -11.97 -9.86 -16.18
N THR A 109 -11.14 -8.84 -16.15
CA THR A 109 -10.55 -8.31 -17.37
C THR A 109 -9.32 -9.14 -17.73
N GLU A 110 -8.70 -8.80 -18.86
CA GLU A 110 -7.42 -9.41 -19.22
C GLU A 110 -6.41 -9.29 -18.09
N VAL A 111 -6.44 -8.18 -17.35
CA VAL A 111 -5.52 -8.05 -16.23
C VAL A 111 -6.04 -8.81 -15.03
N GLY A 112 -7.34 -8.82 -14.80
CA GLY A 112 -7.88 -9.56 -13.68
C GLY A 112 -7.68 -11.06 -13.80
N GLU A 113 -7.63 -11.57 -15.04
CA GLU A 113 -7.47 -13.01 -15.25
C GLU A 113 -6.14 -13.55 -14.72
N LEU A 114 -5.15 -12.69 -14.49
CA LEU A 114 -3.90 -13.14 -13.90
C LEU A 114 -4.03 -13.51 -12.44
N LEU A 115 -5.16 -13.21 -11.79
CA LEU A 115 -5.39 -13.68 -10.43
C LEU A 115 -6.11 -15.02 -10.36
N ALA A 116 -6.33 -15.69 -11.51
CA ALA A 116 -6.75 -17.08 -11.47
C ALA A 116 -5.63 -17.91 -10.84
N ASP A 117 -6.01 -18.83 -9.97
CA ASP A 117 -5.00 -19.53 -9.19
C ASP A 117 -4.09 -20.40 -10.05
N ASP A 118 -4.49 -20.72 -11.27
CA ASP A 118 -3.71 -21.62 -12.12
C ASP A 118 -2.92 -20.87 -13.20
N HIS A 119 -2.87 -19.54 -13.15
CA HIS A 119 -2.06 -18.82 -14.13
C HIS A 119 -0.57 -19.12 -13.90
N PRO A 120 0.22 -19.25 -14.97
CA PRO A 120 1.63 -19.63 -14.78
C PRO A 120 2.45 -18.66 -13.93
N ALA A 121 2.11 -17.36 -13.90
CA ALA A 121 2.89 -16.39 -13.12
C ALA A 121 2.58 -16.42 -11.62
N ALA A 122 1.54 -17.12 -11.18
CA ALA A 122 1.24 -17.31 -9.74
C ALA A 122 1.01 -15.98 -9.01
N GLN A 123 0.45 -14.98 -9.69
CA GLN A 123 0.30 -13.67 -9.06
C GLN A 123 -0.77 -13.66 -7.96
N ARG A 124 -1.71 -14.61 -7.97
CA ARG A 124 -2.67 -14.65 -6.88
C ARG A 124 -2.00 -15.05 -5.58
N ALA A 125 -1.21 -16.14 -5.60
CA ALA A 125 -0.53 -16.56 -4.39
C ALA A 125 0.48 -15.51 -3.94
N TRP A 126 1.20 -14.89 -4.88
CA TRP A 126 2.12 -13.80 -4.53
C TRP A 126 1.40 -12.59 -3.94
N HIS A 127 0.10 -12.45 -4.19
CA HIS A 127 -0.66 -11.38 -3.56
C HIS A 127 -1.53 -11.87 -2.42
N ASP A 128 -1.47 -13.15 -2.09
CA ASP A 128 -2.26 -13.74 -1.00
C ASP A 128 -1.68 -13.32 0.36
N LEU A 129 -2.48 -12.61 1.15
CA LEU A 129 -2.05 -12.10 2.44
C LEU A 129 -1.85 -13.21 3.47
N THR A 130 -2.34 -14.42 3.23
CA THR A 130 -2.04 -15.53 4.13
C THR A 130 -0.71 -16.22 3.79
N GLN A 131 -0.19 -16.03 2.58
CA GLN A 131 1.07 -16.62 2.17
C GLN A 131 2.24 -15.68 2.49
N ALA A 132 3.47 -16.19 2.31
CA ALA A 132 4.62 -15.65 3.05
C ALA A 132 5.04 -14.26 2.56
N VAL A 133 4.94 -14.00 1.26
CA VAL A 133 5.47 -12.76 0.70
C VAL A 133 4.52 -11.60 0.95
N ALA A 134 3.25 -11.72 0.53
CA ALA A 134 2.32 -10.63 0.80
C ALA A 134 2.21 -10.37 2.30
N ARG A 135 2.37 -11.42 3.11
CA ARG A 135 2.39 -11.22 4.56
C ARG A 135 3.59 -10.39 4.96
N ALA A 136 4.78 -10.77 4.47
CA ALA A 136 6.00 -10.02 4.75
C ALA A 136 5.92 -8.57 4.27
N ASP A 137 5.20 -8.30 3.18
CA ASP A 137 5.08 -6.93 2.68
C ASP A 137 4.45 -5.97 3.69
N ILE A 138 3.74 -6.46 4.70
CA ILE A 138 3.21 -5.55 5.72
C ILE A 138 4.35 -4.83 6.43
N SER A 139 5.59 -5.34 6.32
CA SER A 139 6.77 -4.66 6.84
C SER A 139 6.99 -3.28 6.22
N PHE A 140 6.48 -3.06 5.00
CA PHE A 140 6.58 -1.73 4.39
C PHE A 140 5.76 -0.68 5.12
N THR A 141 4.76 -1.06 5.94
CA THR A 141 4.05 -0.05 6.70
C THR A 141 4.97 0.66 7.68
N ARG A 142 6.14 0.08 7.98
CA ARG A 142 7.10 0.69 8.87
C ARG A 142 8.39 1.08 8.13
N LEU A 143 8.27 1.37 6.85
CA LEU A 143 9.44 1.74 6.04
C LEU A 143 10.25 2.89 6.63
N PRO A 144 9.67 3.97 7.19
CA PRO A 144 10.52 5.00 7.81
C PRO A 144 11.51 4.46 8.81
N ASP A 145 11.12 3.45 9.59
CA ASP A 145 12.03 2.92 10.59
C ASP A 145 13.24 2.29 9.92
N ALA A 146 13.03 1.61 8.79
CA ALA A 146 14.13 0.99 8.07
C ALA A 146 15.02 2.02 7.41
N ILE A 147 14.44 3.12 6.94
CA ILE A 147 15.25 4.17 6.33
C ILE A 147 16.10 4.88 7.37
N ARG A 148 15.56 5.03 8.59
CA ARG A 148 16.31 5.69 9.65
C ARG A 148 17.46 4.83 10.15
N THR A 149 17.27 3.51 10.21
CA THR A 149 18.22 2.59 10.86
C THR A 149 18.95 1.64 9.92
N GLY A 150 18.47 1.45 8.69
CA GLY A 150 19.01 0.41 7.83
C GLY A 150 18.65 -1.02 8.19
N ARG A 151 17.80 -1.23 9.26
CA ARG A 151 17.46 -2.56 9.79
C ARG A 151 16.06 -2.98 9.39
N PRO A 152 15.84 -4.29 9.23
CA PRO A 152 14.52 -4.77 8.79
C PRO A 152 13.44 -4.59 9.86
N THR A 153 12.20 -4.42 9.38
CA THR A 153 11.04 -4.18 10.22
C THR A 153 10.15 -5.41 10.40
N TYR A 154 10.48 -6.53 9.77
CA TYR A 154 9.64 -7.72 9.84
C TYR A 154 9.45 -8.18 11.28
N GLU A 155 10.55 -8.26 12.05
CA GLU A 155 10.48 -8.81 13.40
C GLU A 155 9.61 -7.93 14.31
N SER A 156 9.68 -6.60 14.18
CA SER A 156 8.84 -5.75 15.01
C SER A 156 7.37 -6.00 14.76
N ILE A 157 7.01 -6.57 13.63
CA ILE A 157 5.62 -6.89 13.36
C ILE A 157 5.27 -8.32 13.79
N TYR A 158 6.10 -9.30 13.41
CA TYR A 158 5.70 -10.70 13.56
C TYR A 158 6.39 -11.42 14.72
N GLY A 159 7.40 -10.81 15.34
CA GLY A 159 7.96 -11.29 16.59
C GLY A 159 9.28 -12.03 16.46
N LYS A 160 9.66 -12.40 15.24
CA LYS A 160 10.92 -13.08 14.97
C LYS A 160 11.43 -12.60 13.62
N PRO A 161 12.73 -12.70 13.38
CA PRO A 161 13.26 -12.44 12.02
C PRO A 161 12.72 -13.42 11.02
N PHE A 162 12.80 -13.02 9.75
CA PHE A 162 12.12 -13.69 8.63
C PHE A 162 12.23 -15.21 8.70
N TYR A 163 13.45 -15.75 8.66
CA TYR A 163 13.60 -17.20 8.56
C TYR A 163 13.32 -17.92 9.87
N GLU A 164 13.54 -17.27 11.02
CA GLU A 164 13.06 -17.83 12.27
C GLU A 164 11.54 -17.91 12.30
N ASP A 165 10.86 -16.87 11.80
CA ASP A 165 9.41 -16.92 11.72
C ASP A 165 8.97 -18.12 10.87
N LEU A 166 9.63 -18.31 9.72
CA LEU A 166 9.29 -19.41 8.83
C LEU A 166 9.59 -20.76 9.47
N ALA A 167 10.59 -20.83 10.34
CA ALA A 167 10.92 -22.13 10.93
C ALA A 167 9.87 -22.55 11.95
N GLY A 168 9.15 -21.59 12.53
CA GLY A 168 8.12 -21.93 13.50
C GLY A 168 6.73 -22.05 12.91
N ARG A 169 6.59 -21.75 11.61
CA ARG A 169 5.31 -21.73 10.93
C ARG A 169 5.44 -22.56 9.66
N PRO A 170 5.18 -23.87 9.73
CA PRO A 170 5.33 -24.72 8.53
C PRO A 170 4.52 -24.25 7.33
N ASP A 171 3.32 -23.69 7.56
CA ASP A 171 2.56 -23.17 6.43
C ASP A 171 3.29 -22.03 5.73
N LEU A 172 3.90 -21.12 6.51
CA LEU A 172 4.69 -20.04 5.94
C LEU A 172 5.96 -20.56 5.27
N ARG A 173 6.68 -21.48 5.94
CA ARG A 173 7.81 -22.16 5.31
C ARG A 173 7.44 -22.71 3.94
N ALA A 174 6.32 -23.44 3.87
CA ALA A 174 5.95 -24.12 2.64
C ALA A 174 5.44 -23.11 1.60
N SER A 175 4.69 -22.11 2.05
CA SER A 175 4.21 -21.08 1.14
C SER A 175 5.37 -20.32 0.50
N PHE A 176 6.40 -20.00 1.28
CA PHE A 176 7.55 -19.29 0.73
C PHE A 176 8.25 -20.12 -0.35
N ASP A 177 8.51 -21.40 -0.04
CA ASP A 177 9.18 -22.26 -1.00
C ASP A 177 8.37 -22.43 -2.27
N SER A 178 7.04 -22.50 -2.14
CA SER A 178 6.23 -22.71 -3.33
C SER A 178 6.14 -21.46 -4.19
N LEU A 179 6.10 -20.28 -3.57
CA LEU A 179 6.11 -19.03 -4.33
C LEU A 179 7.37 -18.93 -5.19
N LEU A 180 8.55 -19.02 -4.56
CA LEU A 180 9.82 -18.89 -5.29
C LEU A 180 9.97 -19.98 -6.34
N ALA A 181 9.47 -21.18 -6.06
CA ALA A 181 9.62 -22.32 -6.97
C ALA A 181 8.46 -22.44 -7.95
N CYS A 182 7.54 -21.49 -7.96
CA CYS A 182 6.44 -21.50 -8.94
C CYS A 182 6.98 -21.50 -10.36
N ASP A 183 8.21 -21.01 -10.51
CA ASP A 183 8.98 -20.91 -11.74
C ASP A 183 9.71 -22.20 -12.12
N GLN A 184 9.90 -23.12 -11.17
CA GLN A 184 11.04 -24.05 -11.17
C GLN A 184 11.25 -24.81 -12.48
N ASP A 185 10.16 -25.22 -13.13
CA ASP A 185 10.30 -26.13 -14.27
C ASP A 185 11.09 -25.50 -15.41
N VAL A 186 11.03 -24.18 -15.56
CA VAL A 186 11.65 -23.52 -16.71
C VAL A 186 12.56 -22.37 -16.33
N ALA A 187 12.49 -21.81 -15.11
CA ALA A 187 13.20 -20.57 -14.82
C ALA A 187 14.70 -20.76 -14.67
N PHE A 188 15.16 -22.00 -14.50
CA PHE A 188 16.58 -22.29 -14.39
C PHE A 188 17.15 -22.89 -15.65
N ASP A 189 16.34 -23.03 -16.70
CA ASP A 189 16.84 -23.50 -17.99
C ASP A 189 17.89 -22.54 -18.54
N ALA A 190 17.64 -21.22 -18.42
CA ALA A 190 18.59 -20.26 -18.99
C ALA A 190 19.92 -20.23 -18.23
N PRO A 191 19.97 -20.08 -16.90
CA PRO A 191 21.28 -20.11 -16.23
C PRO A 191 22.04 -21.41 -16.43
N ALA A 192 21.35 -22.55 -16.45
CA ALA A 192 22.05 -23.82 -16.67
C ALA A 192 22.66 -23.88 -18.06
N ALA A 193 22.00 -23.31 -19.07
CA ALA A 193 22.57 -23.32 -20.40
C ALA A 193 23.72 -22.32 -20.54
N ALA A 194 23.73 -21.28 -19.70
CA ALA A 194 24.77 -20.26 -19.79
C ALA A 194 26.12 -20.69 -19.22
N TYR A 195 26.25 -21.94 -18.77
CA TYR A 195 27.48 -22.36 -18.09
C TYR A 195 27.97 -23.67 -18.69
N ASP A 196 29.28 -23.76 -18.95
CA ASP A 196 29.88 -24.97 -19.49
C ASP A 196 30.11 -25.98 -18.36
N TRP A 197 29.40 -27.11 -18.43
CA TRP A 197 29.45 -28.13 -17.38
C TRP A 197 30.45 -29.23 -17.70
N THR A 198 31.22 -29.10 -18.80
CA THR A 198 32.07 -30.19 -19.27
C THR A 198 33.00 -30.70 -18.18
N ASN A 199 33.64 -29.79 -17.43
CA ASN A 199 34.61 -30.15 -16.42
C ASN A 199 34.03 -30.12 -15.01
N VAL A 200 32.71 -30.08 -14.90
CA VAL A 200 32.04 -30.17 -13.60
C VAL A 200 31.71 -31.62 -13.32
N ARG A 201 32.03 -32.08 -12.10
CA ARG A 201 31.64 -33.40 -11.65
C ARG A 201 30.56 -33.37 -10.59
N HIS A 202 30.64 -32.44 -9.64
CA HIS A 202 29.63 -32.27 -8.60
C HIS A 202 29.28 -30.81 -8.45
N VAL A 203 28.00 -30.54 -8.23
CA VAL A 203 27.48 -29.19 -8.03
C VAL A 203 26.85 -29.12 -6.66
N LEU A 204 27.15 -28.06 -5.93
CA LEU A 204 26.53 -27.82 -4.64
C LEU A 204 25.69 -26.55 -4.74
N ASP A 205 24.40 -26.66 -4.45
CA ASP A 205 23.49 -25.52 -4.55
C ASP A 205 23.19 -25.08 -3.13
N VAL A 206 23.75 -23.94 -2.75
CA VAL A 206 23.73 -23.49 -1.37
C VAL A 206 22.45 -22.67 -1.17
N GLY A 207 21.57 -23.15 -0.30
CA GLY A 207 20.22 -22.60 -0.24
C GLY A 207 19.48 -22.71 -1.56
N GLY A 208 19.54 -23.87 -2.20
CA GLY A 208 18.92 -24.03 -3.51
C GLY A 208 17.42 -24.28 -3.59
N GLY A 209 16.67 -24.00 -2.51
CA GLY A 209 15.21 -24.06 -2.59
C GLY A 209 14.67 -25.48 -2.70
N LYS A 210 13.73 -25.69 -3.61
CA LYS A 210 13.22 -27.03 -3.86
C LYS A 210 14.04 -27.79 -4.87
N GLY A 211 15.22 -27.27 -5.26
CA GLY A 211 16.15 -28.03 -6.08
C GLY A 211 15.99 -27.86 -7.57
N GLY A 212 15.21 -26.87 -8.02
CA GLY A 212 14.93 -26.74 -9.45
C GLY A 212 16.15 -26.35 -10.27
N PHE A 213 17.04 -25.51 -9.71
CA PHE A 213 18.30 -25.21 -10.37
C PHE A 213 19.15 -26.48 -10.52
N ALA A 214 19.35 -27.20 -9.41
CA ALA A 214 20.10 -28.46 -9.46
C ALA A 214 19.52 -29.40 -10.52
N ALA A 215 18.18 -29.49 -10.59
CA ALA A 215 17.55 -30.38 -11.56
C ALA A 215 17.76 -29.89 -12.97
N ALA A 216 17.72 -28.57 -13.18
CA ALA A 216 17.95 -28.03 -14.52
C ALA A 216 19.35 -28.38 -15.04
N ILE A 217 20.35 -28.27 -14.17
CA ILE A 217 21.71 -28.65 -14.55
C ILE A 217 21.77 -30.15 -14.83
N ALA A 218 21.08 -30.95 -14.02
CA ALA A 218 21.12 -32.41 -14.16
C ALA A 218 20.62 -32.86 -15.52
N ARG A 219 19.54 -32.27 -15.99
CA ARG A 219 18.94 -32.55 -17.28
C ARG A 219 19.79 -32.06 -18.40
N ARG A 220 20.48 -30.95 -18.15
CA ARG A 220 21.36 -30.34 -19.12
C ARG A 220 22.68 -31.09 -19.25
N ALA A 221 23.16 -31.69 -18.17
CA ALA A 221 24.46 -32.37 -18.15
C ALA A 221 24.35 -33.70 -17.42
N PRO A 222 24.12 -34.80 -18.15
CA PRO A 222 23.87 -36.09 -17.49
C PRO A 222 25.06 -36.63 -16.71
N HIS A 223 26.29 -36.20 -17.01
CA HIS A 223 27.42 -36.68 -16.23
C HIS A 223 27.49 -36.08 -14.82
N VAL A 224 26.80 -34.98 -14.55
CA VAL A 224 26.99 -34.23 -13.32
C VAL A 224 26.14 -34.81 -12.21
N SER A 225 26.67 -34.83 -10.98
CA SER A 225 25.90 -35.06 -9.76
C SER A 225 25.76 -33.77 -8.97
N ALA A 226 24.75 -33.72 -8.10
CA ALA A 226 24.54 -32.48 -7.36
C ALA A 226 24.05 -32.76 -5.94
N THR A 227 24.20 -31.73 -5.10
CA THR A 227 23.69 -31.70 -3.74
C THR A 227 22.99 -30.35 -3.51
N VAL A 228 21.82 -30.39 -2.89
CA VAL A 228 21.14 -29.19 -2.42
C VAL A 228 21.32 -29.08 -0.91
N LEU A 229 21.79 -27.93 -0.43
CA LEU A 229 21.84 -27.64 1.00
C LEU A 229 20.70 -26.69 1.35
N GLU A 230 19.81 -27.11 2.25
CA GLU A 230 18.69 -26.26 2.62
C GLU A 230 18.37 -26.38 4.10
N MET A 231 17.39 -25.59 4.53
CA MET A 231 16.85 -25.54 5.89
C MET A 231 15.81 -26.65 6.11
N ALA A 232 15.52 -26.90 7.39
CA ALA A 232 14.41 -27.76 7.80
C ALA A 232 13.12 -27.40 7.08
N GLY A 233 12.33 -28.43 6.76
CA GLY A 233 11.11 -28.24 6.00
C GLY A 233 11.35 -28.16 4.49
N THR A 234 12.13 -27.16 4.07
CA THR A 234 12.47 -27.04 2.66
C THR A 234 13.16 -28.29 2.13
N VAL A 235 13.98 -28.95 2.97
CA VAL A 235 14.68 -30.15 2.50
C VAL A 235 13.68 -31.24 2.09
N ASP A 236 12.54 -31.33 2.79
CA ASP A 236 11.56 -32.38 2.50
C ASP A 236 10.91 -32.17 1.13
N THR A 237 10.44 -30.95 0.85
CA THR A 237 9.80 -30.72 -0.44
C THR A 237 10.83 -30.72 -1.57
N ALA A 238 12.09 -30.38 -1.28
CA ALA A 238 13.14 -30.52 -2.27
C ALA A 238 13.37 -31.99 -2.59
N ARG A 239 13.44 -32.83 -1.57
CA ARG A 239 13.59 -34.26 -1.81
C ARG A 239 12.43 -34.82 -2.63
N SER A 240 11.19 -34.47 -2.29
CA SER A 240 10.08 -35.09 -3.00
C SER A 240 9.94 -34.55 -4.43
N TYR A 241 10.20 -33.25 -4.62
CA TYR A 241 10.30 -32.70 -5.98
C TYR A 241 11.38 -33.43 -6.81
N LEU A 242 12.57 -33.60 -6.24
CA LEU A 242 13.64 -34.26 -7.00
C LEU A 242 13.33 -35.74 -7.24
N LYS A 243 12.83 -36.41 -6.22
CA LYS A 243 12.32 -37.77 -6.40
C LYS A 243 11.25 -37.82 -7.48
N ASP A 244 10.40 -36.80 -7.57
CA ASP A 244 9.31 -36.82 -8.55
C ASP A 244 9.74 -36.38 -9.94
N GLU A 245 10.92 -35.81 -10.08
CA GLU A 245 11.50 -35.65 -11.41
C GLU A 245 12.25 -36.89 -11.85
N GLY A 246 12.36 -37.90 -10.99
CA GLY A 246 13.18 -39.05 -11.29
C GLY A 246 14.66 -38.79 -11.20
N LEU A 247 15.06 -37.84 -10.34
CA LEU A 247 16.45 -37.41 -10.24
C LEU A 247 17.10 -37.73 -8.90
N SER A 248 16.46 -38.54 -8.05
CA SER A 248 17.05 -38.82 -6.74
C SER A 248 18.34 -39.63 -6.85
N ASP A 249 18.59 -40.27 -8.00
CA ASP A 249 19.90 -40.90 -8.22
C ASP A 249 21.00 -39.89 -8.52
N ARG A 250 20.64 -38.64 -8.84
CA ARG A 250 21.59 -37.64 -9.29
C ARG A 250 21.77 -36.48 -8.32
N VAL A 251 20.74 -36.13 -7.55
CA VAL A 251 20.71 -34.91 -6.76
C VAL A 251 20.35 -35.29 -5.32
N ASP A 252 21.30 -35.07 -4.41
CA ASP A 252 21.08 -35.25 -2.98
C ASP A 252 20.60 -33.97 -2.34
N VAL A 253 19.99 -34.11 -1.16
CA VAL A 253 19.59 -32.98 -0.32
C VAL A 253 20.17 -33.20 1.07
N VAL A 254 20.84 -32.18 1.60
CA VAL A 254 21.39 -32.18 2.95
C VAL A 254 20.77 -31.02 3.73
N GLU A 255 20.31 -31.29 4.94
CA GLU A 255 19.86 -30.21 5.83
C GLU A 255 21.06 -29.64 6.56
N GLY A 256 21.17 -28.31 6.59
CA GLY A 256 22.30 -27.69 7.25
C GLY A 256 22.21 -26.18 7.25
N ASP A 257 23.32 -25.57 7.63
CA ASP A 257 23.43 -24.13 7.85
C ASP A 257 24.62 -23.64 7.05
N PHE A 258 24.35 -22.82 6.06
CA PHE A 258 25.35 -22.29 5.17
C PHE A 258 26.42 -21.36 5.78
N PHE A 259 26.25 -21.00 7.02
CA PHE A 259 27.27 -20.27 7.76
C PHE A 259 28.29 -21.20 8.43
N GLU A 260 27.95 -22.48 8.57
CA GLU A 260 28.83 -23.53 9.04
C GLU A 260 29.60 -24.14 7.87
N PRO A 261 30.70 -24.87 8.13
CA PRO A 261 31.42 -25.52 7.03
C PRO A 261 30.46 -26.34 6.17
N LEU A 262 30.60 -26.20 4.85
CA LEU A 262 29.63 -26.84 3.97
C LEU A 262 29.81 -28.37 4.03
N PRO A 263 28.77 -29.12 3.68
CA PRO A 263 28.83 -30.58 3.90
C PRO A 263 29.82 -31.31 3.01
N ARG A 264 30.31 -30.65 1.97
CA ARG A 264 30.98 -31.37 0.90
C ARG A 264 31.64 -30.36 -0.03
N LYS A 265 32.69 -30.78 -0.73
CA LYS A 265 33.34 -29.95 -1.73
C LYS A 265 32.71 -30.17 -3.12
N ALA A 266 32.95 -29.20 -4.01
CA ALA A 266 32.29 -29.21 -5.32
C ALA A 266 33.06 -28.35 -6.31
N ASP A 267 32.80 -28.60 -7.60
CA ASP A 267 33.44 -27.89 -8.70
C ASP A 267 32.70 -26.62 -9.08
N ALA A 268 31.39 -26.59 -8.87
CA ALA A 268 30.57 -25.41 -9.10
C ALA A 268 29.62 -25.29 -7.91
N ILE A 269 29.62 -24.13 -7.26
CA ILE A 269 28.79 -23.89 -6.09
C ILE A 269 27.81 -22.77 -6.40
N ILE A 270 26.52 -23.05 -6.25
CA ILE A 270 25.45 -22.17 -6.69
C ILE A 270 24.95 -21.33 -5.51
N LEU A 271 24.75 -20.03 -5.77
CA LEU A 271 24.17 -19.07 -4.83
C LEU A 271 23.14 -18.28 -5.61
N SER A 272 21.91 -18.77 -5.63
CA SER A 272 20.84 -18.23 -6.49
C SER A 272 19.79 -17.60 -5.59
N PHE A 273 19.71 -16.27 -5.64
CA PHE A 273 18.79 -15.51 -4.79
C PHE A 273 18.99 -15.85 -3.31
N VAL A 274 20.25 -15.91 -2.91
CA VAL A 274 20.65 -16.14 -1.52
C VAL A 274 21.30 -14.89 -0.92
N LEU A 275 22.28 -14.32 -1.61
CA LEU A 275 23.09 -13.26 -1.00
C LEU A 275 22.25 -12.00 -0.77
N LEU A 276 21.34 -11.66 -1.68
CA LEU A 276 20.49 -10.48 -1.46
C LEU A 276 19.71 -10.55 -0.15
N ASN A 277 19.55 -11.75 0.43
CA ASN A 277 18.93 -11.90 1.74
C ASN A 277 19.78 -11.39 2.90
N TRP A 278 21.05 -11.06 2.67
CA TRP A 278 21.98 -10.87 3.76
C TRP A 278 22.75 -9.56 3.64
N PRO A 279 23.02 -8.89 4.75
CA PRO A 279 23.88 -7.71 4.71
C PRO A 279 25.32 -8.09 4.39
N ASP A 280 26.12 -7.06 4.08
CA ASP A 280 27.45 -7.26 3.53
C ASP A 280 28.23 -8.31 4.32
N HIS A 281 28.25 -8.21 5.65
CA HIS A 281 29.16 -9.06 6.42
C HIS A 281 28.71 -10.52 6.38
N ASP A 282 27.41 -10.76 6.37
CA ASP A 282 26.93 -12.14 6.29
C ASP A 282 27.14 -12.71 4.90
N ALA A 283 27.00 -11.88 3.87
CA ALA A 283 27.21 -12.37 2.51
C ALA A 283 28.65 -12.79 2.30
N VAL A 284 29.59 -12.02 2.85
CA VAL A 284 31.00 -12.39 2.76
C VAL A 284 31.26 -13.70 3.49
N ARG A 285 30.62 -13.91 4.64
CA ARG A 285 30.80 -15.19 5.34
C ARG A 285 30.27 -16.35 4.50
N ILE A 286 29.08 -16.18 3.90
CA ILE A 286 28.55 -17.17 2.98
C ILE A 286 29.50 -17.40 1.81
N LEU A 287 29.95 -16.31 1.17
CA LEU A 287 30.93 -16.44 0.10
C LEU A 287 32.22 -17.11 0.59
N THR A 288 32.64 -16.81 1.82
CA THR A 288 33.83 -17.46 2.34
C THR A 288 33.63 -18.96 2.51
N ARG A 289 32.47 -19.37 3.04
CA ARG A 289 32.21 -20.81 3.18
C ARG A 289 32.23 -21.49 1.83
N CYS A 290 31.66 -20.86 0.81
CA CYS A 290 31.69 -21.45 -0.53
C CYS A 290 33.12 -21.53 -1.06
N ALA A 291 33.93 -20.50 -0.83
CA ALA A 291 35.32 -20.51 -1.28
C ALA A 291 36.10 -21.66 -0.64
N GLU A 292 35.87 -21.92 0.64
CA GLU A 292 36.52 -23.04 1.31
C GLU A 292 36.18 -24.38 0.66
N ALA A 293 35.03 -24.48 0.01
CA ALA A 293 34.49 -25.74 -0.47
C ALA A 293 34.70 -25.95 -1.96
N LEU A 294 35.39 -25.05 -2.65
CA LEU A 294 35.67 -25.26 -4.06
C LEU A 294 36.75 -26.33 -4.25
N GLU A 295 36.55 -27.17 -5.25
CA GLU A 295 37.62 -28.01 -5.73
C GLU A 295 38.64 -27.15 -6.47
N PRO A 296 39.86 -27.65 -6.65
CA PRO A 296 40.78 -26.97 -7.57
C PRO A 296 40.11 -26.74 -8.91
N GLY A 297 40.24 -25.51 -9.42
CA GLY A 297 39.55 -25.12 -10.63
C GLY A 297 38.09 -24.77 -10.46
N GLY A 298 37.54 -24.95 -9.26
CA GLY A 298 36.12 -24.73 -9.05
C GLY A 298 35.70 -23.27 -9.18
N ARG A 299 34.38 -23.07 -9.32
CA ARG A 299 33.83 -21.73 -9.48
C ARG A 299 32.57 -21.58 -8.62
N ILE A 300 32.36 -20.34 -8.16
CA ILE A 300 31.14 -19.94 -7.47
C ILE A 300 30.26 -19.20 -8.48
N LEU A 301 29.02 -19.64 -8.63
CA LEU A 301 28.06 -19.04 -9.55
C LEU A 301 27.00 -18.30 -8.75
N ILE A 302 26.81 -17.02 -9.06
CA ILE A 302 25.78 -16.20 -8.42
C ILE A 302 24.71 -15.93 -9.45
N HIS A 303 23.48 -16.29 -9.13
CA HIS A 303 22.31 -16.08 -9.98
C HIS A 303 21.46 -15.04 -9.26
N GLU A 304 21.43 -13.82 -9.78
CA GLU A 304 20.71 -12.75 -9.12
C GLU A 304 20.38 -11.65 -10.12
N ARG A 305 19.50 -10.77 -9.67
CA ARG A 305 19.26 -9.49 -10.34
C ARG A 305 20.32 -8.51 -9.89
N ASP A 306 21.04 -7.93 -10.85
CA ASP A 306 21.92 -6.81 -10.53
C ASP A 306 21.67 -5.73 -11.58
N ASP A 307 22.52 -4.69 -11.57
CA ASP A 307 22.43 -3.58 -12.50
C ASP A 307 23.68 -2.73 -12.33
N LEU A 308 24.19 -2.19 -13.43
CA LEU A 308 25.06 -1.02 -13.30
C LEU A 308 24.31 0.04 -12.51
N HIS A 309 25.03 0.74 -11.64
CA HIS A 309 24.38 1.68 -10.74
C HIS A 309 23.43 2.62 -11.48
N GLU A 310 23.93 3.29 -12.52
CA GLU A 310 23.07 4.25 -13.20
C GLU A 310 21.97 3.58 -14.02
N ASN A 311 21.95 2.25 -14.12
CA ASN A 311 20.84 1.53 -14.73
C ASN A 311 19.83 1.03 -13.70
N SER A 312 20.10 1.21 -12.42
CA SER A 312 19.34 0.52 -11.38
C SER A 312 18.16 1.34 -10.84
N PHE A 313 17.93 2.55 -11.35
CA PHE A 313 16.78 3.34 -10.90
C PHE A 313 15.53 2.89 -11.65
N ASN A 314 15.20 1.61 -11.47
CA ASN A 314 14.06 0.99 -12.14
C ASN A 314 13.24 0.18 -11.15
N GLU A 315 11.99 -0.09 -11.55
CA GLU A 315 11.03 -0.74 -10.66
C GLU A 315 11.45 -2.15 -10.26
N GLN A 316 11.99 -2.92 -11.22
CA GLN A 316 12.36 -4.30 -10.88
C GLN A 316 13.44 -4.34 -9.81
N PHE A 317 14.47 -3.50 -9.94
CA PHE A 317 15.55 -3.47 -8.97
C PHE A 317 15.05 -3.01 -7.60
N THR A 318 14.23 -1.96 -7.58
CA THR A 318 13.83 -1.39 -6.29
C THR A 318 12.90 -2.32 -5.54
N GLU A 319 11.93 -2.93 -6.24
CA GLU A 319 11.05 -3.91 -5.59
C GLU A 319 11.85 -4.96 -4.83
N LEU A 320 12.79 -5.61 -5.52
CA LEU A 320 13.55 -6.65 -4.83
C LEU A 320 14.42 -6.05 -3.74
N ASP A 321 15.08 -4.92 -4.03
CA ASP A 321 16.01 -4.34 -3.08
C ASP A 321 15.28 -3.87 -1.83
N LEU A 322 14.11 -3.23 -1.99
CA LEU A 322 13.42 -2.70 -0.83
C LEU A 322 12.72 -3.80 -0.04
N ARG A 323 12.25 -4.86 -0.70
CA ARG A 323 11.80 -6.05 0.04
C ARG A 323 12.93 -6.62 0.88
N MET A 324 14.12 -6.76 0.30
CA MET A 324 15.25 -7.28 1.05
C MET A 324 15.54 -6.43 2.28
N LEU A 325 15.43 -5.10 2.15
CA LEU A 325 15.67 -4.22 3.29
C LEU A 325 14.66 -4.47 4.42
N VAL A 326 13.37 -4.49 4.11
CA VAL A 326 12.38 -4.52 5.19
C VAL A 326 12.13 -5.94 5.68
N PHE A 327 12.25 -6.98 4.83
CA PHE A 327 12.09 -8.35 5.34
C PHE A 327 13.30 -8.76 6.17
N LEU A 328 14.51 -8.48 5.67
CA LEU A 328 15.71 -9.14 6.17
C LEU A 328 16.92 -8.25 6.41
N GLY A 329 16.92 -6.99 5.98
CA GLY A 329 18.14 -6.21 6.03
C GLY A 329 19.18 -6.59 5.00
N GLY A 330 18.81 -7.42 4.03
CA GLY A 330 19.65 -7.69 2.89
C GLY A 330 19.56 -6.55 1.89
N ALA A 331 20.01 -6.83 0.67
CA ALA A 331 20.09 -5.78 -0.34
C ALA A 331 20.47 -6.40 -1.68
N LEU A 332 19.90 -5.83 -2.74
CA LEU A 332 20.45 -6.05 -4.07
C LEU A 332 21.74 -5.27 -4.19
N ARG A 333 22.66 -5.80 -4.99
CA ARG A 333 23.94 -5.14 -5.20
C ARG A 333 24.06 -4.75 -6.66
N THR A 334 24.50 -3.51 -6.89
CA THR A 334 24.88 -3.09 -8.22
C THR A 334 26.08 -3.89 -8.72
N ARG A 335 26.27 -3.88 -10.04
CA ARG A 335 27.44 -4.49 -10.64
C ARG A 335 28.73 -4.03 -9.96
N GLU A 336 28.85 -2.73 -9.69
CA GLU A 336 30.05 -2.19 -9.07
C GLU A 336 30.25 -2.75 -7.66
N LYS A 337 29.18 -3.00 -6.93
CA LYS A 337 29.34 -3.50 -5.57
C LYS A 337 29.67 -4.98 -5.50
N TRP A 338 29.43 -5.75 -6.57
CA TRP A 338 29.85 -7.15 -6.56
C TRP A 338 31.36 -7.29 -6.52
N ASP A 339 32.08 -6.33 -7.09
CA ASP A 339 33.54 -6.40 -7.09
C ASP A 339 34.09 -6.35 -5.68
N GLY A 340 33.53 -5.47 -4.84
CA GLY A 340 34.03 -5.31 -3.48
C GLY A 340 33.63 -6.43 -2.55
N LEU A 341 32.39 -6.89 -2.65
CA LEU A 341 31.96 -8.04 -1.86
C LEU A 341 32.78 -9.27 -2.23
N ALA A 342 33.06 -9.45 -3.52
CA ALA A 342 33.91 -10.55 -3.94
C ALA A 342 35.29 -10.46 -3.32
N ALA A 343 35.85 -9.24 -3.29
CA ALA A 343 37.21 -9.07 -2.81
C ALA A 343 37.33 -9.34 -1.32
N SER A 344 36.30 -8.97 -0.54
CA SER A 344 36.30 -9.30 0.89
C SER A 344 36.28 -10.79 1.14
N ALA A 345 35.76 -11.57 0.20
CA ALA A 345 35.70 -13.02 0.35
C ALA A 345 36.87 -13.72 -0.33
N GLY A 346 37.90 -12.98 -0.71
CA GLY A 346 39.03 -13.58 -1.39
C GLY A 346 38.71 -14.01 -2.79
N LEU A 347 37.81 -13.31 -3.48
CA LEU A 347 37.33 -13.75 -4.79
C LEU A 347 37.40 -12.57 -5.77
N VAL A 348 37.31 -12.91 -7.04
CA VAL A 348 37.15 -11.92 -8.11
C VAL A 348 35.95 -12.31 -8.95
N VAL A 349 35.26 -11.30 -9.47
CA VAL A 349 34.23 -11.53 -10.48
C VAL A 349 34.93 -11.79 -11.81
N GLU A 350 34.78 -13.00 -12.34
CA GLU A 350 35.50 -13.39 -13.54
C GLU A 350 34.74 -12.98 -14.81
N GLU A 351 33.43 -13.14 -14.82
CA GLU A 351 32.61 -12.69 -15.92
C GLU A 351 31.15 -12.69 -15.48
N VAL A 352 30.37 -11.85 -16.15
CA VAL A 352 28.95 -11.73 -15.92
C VAL A 352 28.23 -11.98 -17.23
N ARG A 353 27.12 -12.70 -17.15
CA ARG A 353 26.28 -12.91 -18.28
C ARG A 353 24.85 -12.53 -18.04
N GLN A 354 24.31 -11.73 -18.92
CA GLN A 354 22.91 -11.32 -18.77
C GLN A 354 22.00 -12.34 -19.43
N LEU A 355 20.87 -12.63 -18.79
CA LEU A 355 19.99 -13.70 -19.24
C LEU A 355 18.60 -13.22 -19.68
N TYR A 362 11.52 -10.96 -15.41
CA TYR A 362 12.71 -10.19 -15.05
C TYR A 362 13.81 -10.26 -16.09
N ASP A 363 14.98 -9.76 -15.68
CA ASP A 363 16.21 -9.89 -16.46
C ASP A 363 17.32 -10.16 -15.46
N LEU A 364 17.86 -11.38 -15.49
CA LEU A 364 18.75 -11.85 -14.45
C LEU A 364 20.18 -11.93 -14.96
N SER A 365 21.10 -12.08 -14.01
CA SER A 365 22.52 -12.19 -14.31
C SER A 365 23.07 -13.49 -13.73
N LEU A 366 24.09 -14.01 -14.37
CA LEU A 366 24.92 -15.08 -13.83
C LEU A 366 26.31 -14.51 -13.62
N LEU A 367 26.74 -14.43 -12.37
CA LEU A 367 28.08 -13.98 -12.05
C LEU A 367 28.93 -15.20 -11.75
N VAL A 368 30.08 -15.30 -12.42
CA VAL A 368 31.04 -16.37 -12.22
C VAL A 368 32.17 -15.83 -11.37
N LEU A 369 32.39 -16.43 -10.21
CA LEU A 369 33.39 -15.96 -9.25
C LEU A 369 34.50 -16.99 -9.12
N ALA A 370 35.74 -16.50 -9.13
CA ALA A 370 36.92 -17.32 -8.99
C ALA A 370 37.77 -16.86 -7.83
N PRO A 371 38.59 -17.74 -7.25
CA PRO A 371 39.51 -17.33 -6.18
C PRO A 371 40.41 -16.18 -6.63
N ALA A 372 40.56 -15.20 -5.74
CA ALA A 372 41.38 -14.02 -6.05
C ALA A 372 42.87 -14.37 -6.05
N ASP B 35 2.76 -4.99 -20.69
CA ASP B 35 1.66 -5.93 -20.90
C ASP B 35 0.84 -6.16 -19.62
N ALA B 36 -0.04 -7.17 -19.65
CA ALA B 36 -1.01 -7.34 -18.56
C ALA B 36 -0.33 -7.62 -17.24
N LEU B 37 0.75 -8.39 -17.27
CA LEU B 37 1.44 -8.76 -16.04
C LEU B 37 2.05 -7.55 -15.34
N ARG B 38 2.69 -6.68 -16.08
CA ARG B 38 3.27 -5.48 -15.57
C ARG B 38 2.22 -4.59 -14.87
N THR B 39 1.06 -4.44 -15.46
CA THR B 39 -0.01 -3.64 -14.88
C THR B 39 -0.45 -4.18 -13.52
N LEU B 40 -0.62 -5.50 -13.43
CA LEU B 40 -1.15 -6.06 -12.19
C LEU B 40 -0.13 -5.94 -11.06
N ILE B 41 1.15 -6.20 -11.37
CA ILE B 41 2.19 -6.04 -10.36
C ILE B 41 2.24 -4.61 -9.86
N ARG B 42 2.11 -3.63 -10.76
CA ARG B 42 2.06 -2.24 -10.35
C ARG B 42 0.86 -1.95 -9.46
N LEU B 43 -0.33 -2.46 -9.83
CA LEU B 43 -1.51 -2.19 -9.02
C LEU B 43 -1.41 -2.82 -7.64
N GLY B 44 -0.75 -3.98 -7.53
CA GLY B 44 -0.67 -4.70 -6.28
C GLY B 44 0.47 -4.28 -5.38
N SER B 45 1.31 -3.36 -5.84
CA SER B 45 2.56 -3.03 -5.15
C SER B 45 2.28 -2.21 -3.89
N LEU B 46 2.65 -2.76 -2.74
CA LEU B 46 2.48 -2.07 -1.48
C LEU B 46 3.65 -1.14 -1.18
N HIS B 47 4.84 -1.44 -1.68
CA HIS B 47 6.01 -0.64 -1.32
C HIS B 47 5.98 0.74 -1.97
N THR B 48 5.42 0.85 -3.17
CA THR B 48 5.38 2.13 -3.85
C THR B 48 4.62 3.21 -3.08
N PRO B 49 3.38 3.00 -2.63
CA PRO B 49 2.74 4.03 -1.78
C PRO B 49 3.45 4.24 -0.45
N MET B 50 4.03 3.19 0.14
CA MET B 50 4.77 3.42 1.37
C MET B 50 6.03 4.25 1.13
N VAL B 51 6.64 4.11 -0.05
CA VAL B 51 7.77 4.96 -0.41
C VAL B 51 7.33 6.42 -0.53
N VAL B 52 6.23 6.67 -1.27
CA VAL B 52 5.64 8.01 -1.35
C VAL B 52 5.37 8.56 0.05
N ARG B 53 4.74 7.77 0.90
CA ARG B 53 4.35 8.27 2.21
C ARG B 53 5.59 8.54 3.07
N THR B 54 6.58 7.67 2.99
CA THR B 54 7.83 7.87 3.71
C THR B 54 8.53 9.16 3.29
N ALA B 55 8.63 9.39 1.98
CA ALA B 55 9.26 10.61 1.49
C ALA B 55 8.48 11.84 1.93
N ALA B 56 7.15 11.75 1.99
CA ALA B 56 6.33 12.85 2.50
C ALA B 56 6.63 13.09 3.97
N THR B 57 6.68 12.00 4.76
CA THR B 57 6.90 12.12 6.20
C THR B 57 8.28 12.67 6.51
N LEU B 58 9.28 12.38 5.69
CA LEU B 58 10.62 12.92 5.92
C LEU B 58 10.78 14.35 5.41
N ARG B 59 9.75 14.91 4.79
CA ARG B 59 9.79 16.26 4.21
C ARG B 59 10.89 16.35 3.16
N LEU B 60 11.10 15.24 2.46
CA LEU B 60 12.27 15.07 1.60
C LEU B 60 12.31 16.11 0.50
N VAL B 61 11.17 16.33 -0.16
CA VAL B 61 11.12 17.32 -1.23
C VAL B 61 11.37 18.72 -0.66
N ASP B 62 10.84 19.00 0.53
CA ASP B 62 11.10 20.29 1.17
C ASP B 62 12.60 20.48 1.40
N HIS B 63 13.27 19.43 1.92
CA HIS B 63 14.70 19.54 2.18
C HIS B 63 15.48 19.73 0.89
N ILE B 64 15.08 19.04 -0.18
CA ILE B 64 15.75 19.27 -1.47
C ILE B 64 15.59 20.74 -1.89
N LEU B 65 14.35 21.25 -1.82
CA LEU B 65 14.07 22.60 -2.25
C LEU B 65 14.70 23.65 -1.36
N ALA B 66 15.05 23.32 -0.11
CA ALA B 66 15.77 24.25 0.76
C ALA B 66 17.30 24.08 0.68
N GLY B 67 17.80 23.43 -0.37
CA GLY B 67 19.21 23.43 -0.67
C GLY B 67 19.92 22.11 -0.48
N ALA B 68 19.29 21.11 0.13
CA ALA B 68 19.96 19.83 0.33
C ALA B 68 20.15 19.13 -1.00
N ARG B 69 21.32 19.35 -1.56
CA ARG B 69 21.73 18.86 -2.86
C ARG B 69 22.41 17.53 -2.97
N THR B 70 22.75 16.89 -1.89
CA THR B 70 23.34 15.56 -1.88
C THR B 70 22.53 14.58 -1.04
N VAL B 71 22.78 13.28 -1.25
CA VAL B 71 22.26 12.27 -0.35
C VAL B 71 22.78 12.50 1.07
N LYS B 72 24.04 12.91 1.18
CA LYS B 72 24.64 13.16 2.48
C LYS B 72 23.91 14.26 3.23
N ALA B 73 23.67 15.40 2.58
CA ALA B 73 22.95 16.46 3.26
C ALA B 73 21.49 16.09 3.50
N LEU B 74 20.87 15.35 2.58
CA LEU B 74 19.48 14.93 2.78
C LEU B 74 19.34 13.98 3.96
N ALA B 75 20.30 13.07 4.15
CA ALA B 75 20.26 12.18 5.30
C ALA B 75 20.41 12.95 6.59
N ALA B 76 21.31 13.94 6.61
CA ALA B 76 21.45 14.82 7.76
C ALA B 76 20.11 15.48 8.11
N ARG B 77 19.43 16.03 7.10
CA ARG B 77 18.21 16.80 7.40
C ARG B 77 17.05 15.89 7.77
N THR B 78 16.99 14.70 7.19
CA THR B 78 15.91 13.78 7.51
C THR B 78 16.22 12.87 8.69
N ASP B 79 17.45 12.92 9.23
CA ASP B 79 17.89 12.04 10.32
C ASP B 79 17.76 10.56 9.94
N THR B 80 18.28 10.19 8.77
CA THR B 80 18.19 8.83 8.29
C THR B 80 19.57 8.29 7.91
N ARG B 81 19.62 6.97 7.69
CA ARG B 81 20.87 6.33 7.31
C ARG B 81 21.14 6.60 5.83
N PRO B 82 22.31 7.15 5.50
CA PRO B 82 22.61 7.50 4.09
C PRO B 82 22.36 6.40 3.06
N GLU B 83 22.89 5.20 3.30
CA GLU B 83 22.71 4.13 2.32
C GLU B 83 21.23 3.77 2.16
N ALA B 84 20.49 3.67 3.27
CA ALA B 84 19.06 3.38 3.18
C ALA B 84 18.29 4.49 2.49
N LEU B 85 18.66 5.77 2.71
CA LEU B 85 17.96 6.87 2.05
C LEU B 85 18.17 6.84 0.54
N LEU B 86 19.38 6.47 0.09
CA LEU B 86 19.61 6.33 -1.34
C LEU B 86 18.70 5.26 -1.94
N ARG B 87 18.49 4.16 -1.22
CA ARG B 87 17.63 3.09 -1.76
C ARG B 87 16.19 3.57 -1.91
N LEU B 88 15.70 4.32 -0.92
CA LEU B 88 14.42 5.03 -1.02
C LEU B 88 14.38 5.96 -2.23
N ILE B 89 15.40 6.81 -2.37
CA ILE B 89 15.49 7.74 -3.50
C ILE B 89 15.45 6.97 -4.82
N ARG B 90 16.12 5.82 -4.88
CA ARG B 90 16.11 5.03 -6.12
C ARG B 90 14.68 4.75 -6.58
N HIS B 91 13.83 4.27 -5.67
CA HIS B 91 12.46 4.00 -6.07
C HIS B 91 11.71 5.29 -6.41
N LEU B 92 12.06 6.40 -5.75
CA LEU B 92 11.39 7.66 -6.08
C LEU B 92 11.77 8.14 -7.47
N VAL B 93 12.99 7.84 -7.94
CA VAL B 93 13.35 8.13 -9.32
C VAL B 93 12.61 7.19 -10.28
N ALA B 94 12.58 5.89 -9.96
CA ALA B 94 11.92 4.94 -10.83
C ALA B 94 10.45 5.25 -11.03
N ILE B 95 9.79 5.85 -10.03
CA ILE B 95 8.37 6.16 -10.18
C ILE B 95 8.13 7.60 -10.62
N GLY B 96 9.19 8.38 -10.87
CA GLY B 96 9.03 9.68 -11.47
C GLY B 96 8.71 10.83 -10.54
N LEU B 97 8.96 10.68 -9.24
CA LEU B 97 8.85 11.77 -8.28
C LEU B 97 10.15 12.57 -8.15
N LEU B 98 11.29 11.91 -8.28
CA LEU B 98 12.58 12.57 -8.27
C LEU B 98 13.33 12.24 -9.55
N GLU B 99 14.26 13.12 -9.92
CA GLU B 99 15.17 12.82 -11.02
C GLU B 99 16.56 13.32 -10.64
N GLU B 100 17.56 12.75 -11.30
CA GLU B 100 18.95 13.13 -11.02
C GLU B 100 19.33 14.25 -11.96
N ASP B 101 19.68 15.40 -11.39
CA ASP B 101 20.00 16.59 -12.17
C ASP B 101 21.48 16.58 -12.55
N ALA B 102 22.35 16.71 -11.56
CA ALA B 102 23.78 16.46 -11.65
C ALA B 102 24.11 15.14 -10.97
N PRO B 103 25.33 14.62 -11.12
CA PRO B 103 25.68 13.38 -10.40
C PRO B 103 25.49 13.53 -8.90
N GLY B 104 24.66 12.65 -8.32
CA GLY B 104 24.38 12.66 -6.91
C GLY B 104 23.40 13.73 -6.44
N GLU B 105 22.88 14.55 -7.33
CA GLU B 105 21.98 15.64 -6.97
C GLU B 105 20.58 15.30 -7.42
N PHE B 106 19.70 15.04 -6.47
CA PHE B 106 18.34 14.60 -6.78
C PHE B 106 17.36 15.74 -6.57
N VAL B 107 16.43 15.86 -7.52
CA VAL B 107 15.62 17.05 -7.72
C VAL B 107 14.19 16.63 -8.02
N PRO B 108 13.19 17.26 -7.40
CA PRO B 108 11.80 16.81 -7.61
C PRO B 108 11.34 17.06 -9.04
N THR B 109 10.50 16.15 -9.52
CA THR B 109 9.88 16.33 -10.82
C THR B 109 8.67 17.25 -10.67
N GLU B 110 7.99 17.48 -11.79
CA GLU B 110 6.73 18.23 -11.75
C GLU B 110 5.71 17.53 -10.85
N VAL B 111 5.65 16.19 -10.92
CA VAL B 111 4.79 15.43 -10.02
C VAL B 111 5.37 15.39 -8.61
N GLY B 112 6.70 15.35 -8.47
CA GLY B 112 7.28 15.31 -7.15
C GLY B 112 7.14 16.62 -6.40
N GLU B 113 7.05 17.73 -7.12
CA GLU B 113 6.86 19.04 -6.50
C GLU B 113 5.55 19.17 -5.75
N LEU B 114 4.57 18.29 -5.99
CA LEU B 114 3.36 18.36 -5.19
C LEU B 114 3.57 17.89 -3.78
N LEU B 115 4.73 17.31 -3.45
CA LEU B 115 5.06 16.99 -2.07
C LEU B 115 5.75 18.14 -1.32
N ALA B 116 5.91 19.31 -1.95
CA ALA B 116 6.36 20.49 -1.22
C ALA B 116 5.29 20.88 -0.20
N ASP B 117 5.73 21.18 1.03
CA ASP B 117 4.76 21.34 2.11
C ASP B 117 3.78 22.49 1.85
N ASP B 118 4.15 23.47 1.03
CA ASP B 118 3.30 24.63 0.82
C ASP B 118 2.52 24.57 -0.49
N HIS B 119 2.48 23.42 -1.15
CA HIS B 119 1.61 23.31 -2.31
C HIS B 119 0.15 23.38 -1.88
N PRO B 120 -0.73 24.04 -2.66
CA PRO B 120 -2.13 24.19 -2.23
C PRO B 120 -2.89 22.88 -2.06
N ALA B 121 -2.53 21.82 -2.76
CA ALA B 121 -3.25 20.57 -2.57
C ALA B 121 -2.89 19.83 -1.27
N ALA B 122 -1.86 20.28 -0.56
CA ALA B 122 -1.49 19.72 0.76
C ALA B 122 -1.18 18.22 0.70
N GLN B 123 -0.66 17.74 -0.44
CA GLN B 123 -0.53 16.29 -0.60
C GLN B 123 0.58 15.71 0.26
N ARG B 124 1.51 16.53 0.74
CA ARG B 124 2.53 16.00 1.66
C ARG B 124 1.90 15.63 2.98
N ALA B 125 1.19 16.58 3.62
CA ALA B 125 0.55 16.26 4.89
C ALA B 125 -0.48 15.15 4.73
N TRP B 126 -1.17 15.06 3.58
CA TRP B 126 -2.12 13.97 3.37
C TRP B 126 -1.43 12.62 3.18
N HIS B 127 -0.14 12.58 2.92
CA HIS B 127 0.58 11.31 2.87
C HIS B 127 1.53 11.15 4.06
N ASP B 128 1.52 12.10 5.00
CA ASP B 128 2.41 12.07 6.15
C ASP B 128 1.93 11.04 7.16
N LEU B 129 2.76 10.03 7.41
CA LEU B 129 2.41 8.91 8.27
C LEU B 129 2.30 9.29 9.74
N THR B 130 2.73 10.49 10.13
CA THR B 130 2.51 10.95 11.50
C THR B 130 1.20 11.74 11.64
N GLN B 131 0.56 12.14 10.55
CA GLN B 131 -0.71 12.85 10.63
C GLN B 131 -1.85 11.85 10.50
N ALA B 132 -3.07 12.35 10.73
CA ALA B 132 -4.18 11.47 11.09
C ALA B 132 -4.58 10.55 9.95
N VAL B 133 -4.59 11.06 8.71
CA VAL B 133 -5.18 10.32 7.59
C VAL B 133 -4.26 9.20 7.11
N ALA B 134 -2.98 9.51 6.85
CA ALA B 134 -2.08 8.45 6.43
C ALA B 134 -1.89 7.43 7.54
N ARG B 135 -1.95 7.87 8.80
CA ARG B 135 -1.92 6.92 9.91
C ARG B 135 -3.14 6.02 9.87
N ALA B 136 -4.32 6.60 9.69
CA ALA B 136 -5.54 5.79 9.64
C ALA B 136 -5.51 4.80 8.48
N ASP B 137 -4.91 5.19 7.33
CA ASP B 137 -4.85 4.33 6.15
C ASP B 137 -4.21 2.98 6.42
N ILE B 138 -3.40 2.85 7.49
CA ILE B 138 -2.84 1.56 7.85
C ILE B 138 -3.95 0.55 8.16
N SER B 139 -5.18 1.04 8.42
CA SER B 139 -6.34 0.15 8.57
C SER B 139 -6.58 -0.69 7.32
N PHE B 140 -6.10 -0.25 6.15
CA PHE B 140 -6.25 -1.06 4.95
C PHE B 140 -5.42 -2.34 4.99
N THR B 141 -4.43 -2.45 5.89
CA THR B 141 -3.67 -3.70 5.97
C THR B 141 -4.56 -4.85 6.41
N ARG B 142 -5.68 -4.55 7.08
CA ARG B 142 -6.62 -5.56 7.53
C ARG B 142 -7.94 -5.49 6.77
N LEU B 143 -7.90 -5.03 5.53
CA LEU B 143 -9.11 -4.90 4.73
C LEU B 143 -9.93 -6.19 4.63
N PRO B 144 -9.35 -7.39 4.46
CA PRO B 144 -10.20 -8.59 4.42
C PRO B 144 -11.12 -8.71 5.63
N ASP B 145 -10.65 -8.32 6.82
CA ASP B 145 -11.51 -8.40 7.99
C ASP B 145 -12.75 -7.54 7.81
N ALA B 146 -12.58 -6.32 7.28
CA ALA B 146 -13.71 -5.42 7.08
C ALA B 146 -14.64 -5.92 5.99
N ILE B 147 -14.10 -6.56 4.97
CA ILE B 147 -14.93 -7.11 3.92
C ILE B 147 -15.74 -8.27 4.45
N ARG B 148 -15.17 -9.04 5.38
CA ARG B 148 -15.84 -10.20 5.95
C ARG B 148 -16.93 -9.78 6.95
N THR B 149 -16.66 -8.74 7.75
CA THR B 149 -17.55 -8.35 8.82
C THR B 149 -18.33 -7.06 8.57
N GLY B 150 -17.89 -6.22 7.64
CA GLY B 150 -18.51 -4.91 7.46
C GLY B 150 -18.14 -3.87 8.50
N ARG B 151 -17.25 -4.23 9.49
CA ARG B 151 -16.85 -3.43 10.64
C ARG B 151 -15.46 -2.82 10.44
N PRO B 152 -15.24 -1.58 10.89
CA PRO B 152 -13.93 -0.95 10.69
C PRO B 152 -12.82 -1.67 11.44
N THR B 153 -11.59 -1.53 10.91
CA THR B 153 -10.38 -2.16 11.43
C THR B 153 -9.48 -1.20 12.19
N TYR B 154 -9.79 0.10 12.17
CA TYR B 154 -8.96 1.10 12.82
C TYR B 154 -8.72 0.75 14.29
N GLU B 155 -9.78 0.35 14.99
CA GLU B 155 -9.67 0.13 16.43
C GLU B 155 -8.74 -1.04 16.73
N SER B 156 -8.76 -2.08 15.91
CA SER B 156 -7.89 -3.22 16.15
C SER B 156 -6.42 -2.88 15.99
N ILE B 157 -6.10 -1.77 15.31
CA ILE B 157 -4.71 -1.35 15.14
C ILE B 157 -4.28 -0.34 16.20
N TYR B 158 -5.14 0.62 16.54
CA TYR B 158 -4.73 1.74 17.38
C TYR B 158 -5.39 1.74 18.76
N GLY B 159 -6.34 0.84 19.02
CA GLY B 159 -6.81 0.57 20.37
C GLY B 159 -8.12 1.21 20.72
N LYS B 160 -8.61 2.14 19.91
CA LYS B 160 -9.85 2.87 20.14
C LYS B 160 -10.42 3.21 18.79
N PRO B 161 -11.75 3.34 18.69
CA PRO B 161 -12.32 3.86 17.44
C PRO B 161 -11.80 5.25 17.10
N PHE B 162 -12.00 5.62 15.84
CA PHE B 162 -11.35 6.77 15.21
C PHE B 162 -11.43 8.03 16.07
N TYR B 163 -12.65 8.51 16.35
CA TYR B 163 -12.83 9.78 17.06
C TYR B 163 -12.55 9.68 18.55
N GLU B 164 -12.58 8.49 19.14
CA GLU B 164 -12.07 8.36 20.50
C GLU B 164 -10.55 8.40 20.51
N ASP B 165 -9.91 7.82 19.49
CA ASP B 165 -8.46 7.93 19.37
C ASP B 165 -8.06 9.39 19.24
N LEU B 166 -8.76 10.15 18.37
CA LEU B 166 -8.43 11.56 18.18
C LEU B 166 -8.72 12.39 19.41
N ALA B 167 -9.72 12.02 20.20
CA ALA B 167 -10.01 12.80 21.40
C ALA B 167 -8.93 12.63 22.45
N GLY B 168 -8.20 11.52 22.42
CA GLY B 168 -7.14 11.28 23.37
C GLY B 168 -5.77 11.64 22.86
N ARG B 169 -5.66 12.12 21.62
CA ARG B 169 -4.40 12.47 20.97
C ARG B 169 -4.53 13.85 20.36
N PRO B 170 -4.22 14.91 21.12
CA PRO B 170 -4.38 16.28 20.59
C PRO B 170 -3.65 16.52 19.27
N ASP B 171 -2.48 15.93 19.08
CA ASP B 171 -1.79 16.09 17.79
C ASP B 171 -2.61 15.50 16.65
N LEU B 172 -3.27 14.36 16.88
CA LEU B 172 -4.03 13.71 15.82
C LEU B 172 -5.36 14.43 15.57
N ARG B 173 -6.01 14.90 16.65
CA ARG B 173 -7.17 15.77 16.50
C ARG B 173 -6.85 16.98 15.62
N ALA B 174 -5.69 17.60 15.84
CA ALA B 174 -5.37 18.86 15.18
C ALA B 174 -4.95 18.65 13.74
N SER B 175 -4.24 17.57 13.44
CA SER B 175 -3.84 17.35 12.06
C SER B 175 -4.99 16.86 11.19
N PHE B 176 -5.95 16.13 11.77
CA PHE B 176 -7.15 15.77 11.01
C PHE B 176 -7.94 17.02 10.62
N ASP B 177 -8.18 17.90 11.57
CA ASP B 177 -8.90 19.15 11.26
C ASP B 177 -8.13 19.97 10.22
N SER B 178 -6.82 20.11 10.41
CA SER B 178 -6.03 20.91 9.47
C SER B 178 -6.01 20.28 8.09
N LEU B 179 -6.02 18.96 8.01
CA LEU B 179 -6.03 18.30 6.71
C LEU B 179 -7.32 18.61 5.95
N LEU B 180 -8.49 18.41 6.59
CA LEU B 180 -9.75 18.68 5.89
C LEU B 180 -9.93 20.16 5.58
N ALA B 181 -9.46 21.03 6.47
CA ALA B 181 -9.61 22.46 6.32
C ALA B 181 -8.51 23.09 5.49
N CYS B 182 -7.59 22.29 4.95
CA CYS B 182 -6.50 22.82 4.13
C CYS B 182 -7.05 23.58 2.93
N ASP B 183 -8.26 23.24 2.52
CA ASP B 183 -9.08 23.79 1.46
C ASP B 183 -9.85 25.05 1.85
N GLN B 184 -10.02 25.25 3.12
CA GLN B 184 -10.94 26.18 3.71
C GLN B 184 -11.30 27.44 3.08
N ASP B 185 -10.31 28.16 2.60
CA ASP B 185 -10.54 29.51 2.11
C ASP B 185 -11.40 29.52 0.85
N VAL B 186 -11.35 28.45 0.06
CA VAL B 186 -12.05 28.43 -1.23
C VAL B 186 -12.95 27.23 -1.42
N ALA B 187 -12.82 26.14 -0.67
CA ALA B 187 -13.54 24.93 -1.03
C ALA B 187 -15.02 25.00 -0.72
N PHE B 188 -15.44 25.94 0.11
CA PHE B 188 -16.84 26.08 0.45
C PHE B 188 -17.52 27.19 -0.32
N ASP B 189 -16.77 27.94 -1.13
CA ASP B 189 -17.38 29.00 -1.94
C ASP B 189 -18.47 28.43 -2.84
N ALA B 190 -18.23 27.24 -3.43
CA ALA B 190 -19.19 26.67 -4.36
C ALA B 190 -20.49 26.24 -3.68
N PRO B 191 -20.46 25.38 -2.64
CA PRO B 191 -21.74 24.98 -2.03
C PRO B 191 -22.51 26.14 -1.41
N ALA B 192 -21.81 27.14 -0.84
CA ALA B 192 -22.51 28.31 -0.32
C ALA B 192 -23.19 29.11 -1.43
N ALA B 193 -22.60 29.12 -2.63
CA ALA B 193 -23.24 29.83 -3.73
C ALA B 193 -24.33 29.01 -4.40
N ALA B 194 -24.43 27.71 -4.10
CA ALA B 194 -25.48 26.86 -4.64
C ALA B 194 -26.77 26.94 -3.83
N TYR B 195 -26.84 27.78 -2.81
CA TYR B 195 -28.05 27.85 -2.00
C TYR B 195 -28.49 29.30 -1.86
N ASP B 196 -29.80 29.50 -1.90
CA ASP B 196 -30.42 30.81 -1.76
C ASP B 196 -30.59 31.10 -0.27
N TRP B 197 -29.79 32.04 0.24
CA TRP B 197 -29.81 32.40 1.65
C TRP B 197 -30.81 33.49 1.97
N THR B 198 -31.67 33.85 1.01
CA THR B 198 -32.58 34.98 1.16
C THR B 198 -33.43 34.86 2.43
N ASN B 199 -34.03 33.70 2.65
CA ASN B 199 -34.96 33.52 3.76
C ASN B 199 -34.31 32.87 4.96
N VAL B 200 -32.99 32.85 5.00
CA VAL B 200 -32.25 32.23 6.08
C VAL B 200 -31.79 33.32 7.04
N ARG B 201 -32.05 33.12 8.33
CA ARG B 201 -31.58 34.00 9.38
C ARG B 201 -30.45 33.39 10.19
N HIS B 202 -30.56 32.13 10.56
CA HIS B 202 -29.49 31.48 11.29
C HIS B 202 -29.18 30.14 10.64
N VAL B 203 -27.89 29.83 10.59
CA VAL B 203 -27.36 28.60 10.02
C VAL B 203 -26.66 27.83 11.13
N LEU B 204 -26.95 26.53 11.22
CA LEU B 204 -26.27 25.63 12.14
C LEU B 204 -25.45 24.65 11.29
N ASP B 205 -24.13 24.62 11.51
CA ASP B 205 -23.25 23.70 10.79
C ASP B 205 -22.88 22.59 11.75
N VAL B 206 -23.53 21.46 11.57
CA VAL B 206 -23.41 20.32 12.48
C VAL B 206 -22.14 19.57 12.13
N GLY B 207 -21.19 19.53 13.07
CA GLY B 207 -19.87 19.04 12.73
C GLY B 207 -19.16 19.85 11.67
N GLY B 208 -19.18 21.17 11.79
CA GLY B 208 -18.61 22.01 10.75
C GLY B 208 -17.10 22.32 10.77
N GLY B 209 -16.29 21.45 11.38
CA GLY B 209 -14.83 21.57 11.22
C GLY B 209 -14.28 22.82 11.89
N LYS B 210 -13.40 23.53 11.18
CA LYS B 210 -12.88 24.81 11.66
C LYS B 210 -13.74 26.00 11.25
N GLY B 211 -14.94 25.78 10.72
CA GLY B 211 -15.85 26.86 10.41
C GLY B 211 -15.77 27.41 9.01
N GLY B 212 -15.03 26.75 8.11
CA GLY B 212 -14.84 27.29 6.77
C GLY B 212 -16.14 27.42 5.98
N PHE B 213 -17.04 26.47 6.13
CA PHE B 213 -18.34 26.52 5.51
C PHE B 213 -19.17 27.69 6.08
N ALA B 214 -19.31 27.75 7.40
CA ALA B 214 -20.03 28.83 8.05
C ALA B 214 -19.47 30.19 7.61
N ALA B 215 -18.15 30.29 7.43
CA ALA B 215 -17.55 31.55 7.01
C ALA B 215 -17.91 31.88 5.58
N ALA B 216 -17.93 30.87 4.70
CA ALA B 216 -18.28 31.11 3.30
C ALA B 216 -19.70 31.65 3.18
N ILE B 217 -20.61 31.08 3.96
CA ILE B 217 -21.98 31.58 3.97
C ILE B 217 -22.01 33.01 4.48
N ALA B 218 -21.26 33.30 5.55
CA ALA B 218 -21.27 34.62 6.16
C ALA B 218 -20.87 35.72 5.18
N ARG B 219 -19.79 35.50 4.45
CA ARG B 219 -19.32 36.43 3.45
C ARG B 219 -20.22 36.46 2.21
N ARG B 220 -20.94 35.39 1.99
CA ARG B 220 -21.90 35.31 0.90
C ARG B 220 -23.19 36.05 1.23
N ALA B 221 -23.60 36.03 2.49
CA ALA B 221 -24.89 36.59 2.91
C ALA B 221 -24.69 37.37 4.21
N PRO B 222 -24.56 38.70 4.14
CA PRO B 222 -24.17 39.45 5.33
C PRO B 222 -25.24 39.51 6.41
N HIS B 223 -26.50 39.24 6.06
CA HIS B 223 -27.56 39.22 7.05
C HIS B 223 -27.62 37.95 7.88
N VAL B 224 -26.82 36.93 7.53
CA VAL B 224 -26.93 35.61 8.15
C VAL B 224 -26.05 35.55 9.40
N SER B 225 -26.58 34.93 10.46
CA SER B 225 -25.78 34.49 11.60
C SER B 225 -25.63 32.97 11.58
N ALA B 226 -24.60 32.47 12.27
CA ALA B 226 -24.32 31.04 12.20
C ALA B 226 -23.71 30.54 13.51
N THR B 227 -23.85 29.22 13.70
CA THR B 227 -23.28 28.48 14.82
C THR B 227 -22.60 27.23 14.27
N VAL B 228 -21.38 26.95 14.75
CA VAL B 228 -20.69 25.70 14.46
C VAL B 228 -20.77 24.82 15.69
N LEU B 229 -21.25 23.58 15.52
CA LEU B 229 -21.25 22.58 16.56
C LEU B 229 -20.13 21.60 16.26
N GLU B 230 -19.24 21.39 17.23
CA GLU B 230 -18.07 20.53 17.00
C GLU B 230 -17.66 19.90 18.32
N MET B 231 -16.59 19.11 18.25
CA MET B 231 -16.03 18.38 19.38
C MET B 231 -14.93 19.19 20.05
N ALA B 232 -14.52 18.73 21.24
CA ALA B 232 -13.38 19.30 21.95
C ALA B 232 -12.14 19.32 21.07
N GLY B 233 -11.31 20.35 21.26
CA GLY B 233 -10.16 20.55 20.38
C GLY B 233 -10.52 21.31 19.11
N THR B 234 -11.37 20.70 18.28
CA THR B 234 -11.80 21.33 17.04
C THR B 234 -12.51 22.67 17.30
N VAL B 235 -13.26 22.80 18.41
CA VAL B 235 -14.01 24.04 18.64
C VAL B 235 -13.05 25.21 18.86
N ASP B 236 -11.86 24.95 19.40
CA ASP B 236 -10.91 26.02 19.67
C ASP B 236 -10.28 26.55 18.39
N THR B 237 -9.87 25.67 17.48
CA THR B 237 -9.33 26.17 16.22
C THR B 237 -10.43 26.73 15.33
N ALA B 238 -11.66 26.23 15.47
CA ALA B 238 -12.79 26.86 14.79
C ALA B 238 -12.96 28.30 15.27
N ARG B 239 -12.91 28.49 16.58
CA ARG B 239 -13.13 29.83 17.13
C ARG B 239 -12.03 30.79 16.71
N SER B 240 -10.76 30.35 16.72
CA SER B 240 -9.70 31.29 16.39
C SER B 240 -9.63 31.55 14.88
N TYR B 241 -9.85 30.51 14.05
CA TYR B 241 -10.05 30.74 12.62
C TYR B 241 -11.12 31.79 12.35
N LEU B 242 -12.30 31.64 12.96
CA LEU B 242 -13.39 32.59 12.73
C LEU B 242 -13.04 33.98 13.25
N LYS B 243 -12.50 34.05 14.46
CA LYS B 243 -11.98 35.31 14.96
C LYS B 243 -10.99 35.93 13.97
N ASP B 244 -10.07 35.11 13.44
CA ASP B 244 -9.06 35.63 12.52
C ASP B 244 -9.62 35.95 11.14
N GLU B 245 -10.87 35.58 10.85
CA GLU B 245 -11.55 36.06 9.66
C GLU B 245 -12.29 37.35 9.93
N GLY B 246 -12.37 37.77 11.18
CA GLY B 246 -13.22 38.88 11.55
C GLY B 246 -14.68 38.53 11.61
N LEU B 247 -15.02 37.26 11.77
CA LEU B 247 -16.40 36.82 11.74
C LEU B 247 -16.94 36.41 13.10
N SER B 248 -16.19 36.63 14.18
CA SER B 248 -16.69 36.20 15.48
C SER B 248 -17.94 36.97 15.92
N ASP B 249 -18.24 38.09 15.24
CA ASP B 249 -19.52 38.76 15.40
C ASP B 249 -20.69 37.96 14.82
N ARG B 250 -20.42 37.08 13.87
CA ARG B 250 -21.44 36.43 13.07
C ARG B 250 -21.57 34.94 13.33
N VAL B 251 -20.48 34.27 13.68
CA VAL B 251 -20.41 32.83 13.77
C VAL B 251 -19.97 32.45 15.18
N ASP B 252 -20.86 31.76 15.89
CA ASP B 252 -20.54 31.17 17.17
C ASP B 252 -20.07 29.74 16.98
N VAL B 253 -19.43 29.22 18.02
CA VAL B 253 -19.01 27.83 18.08
C VAL B 253 -19.50 27.24 19.41
N VAL B 254 -20.09 26.06 19.33
CA VAL B 254 -20.64 25.35 20.47
C VAL B 254 -20.03 23.96 20.52
N GLU B 255 -19.47 23.59 21.66
CA GLU B 255 -19.00 22.23 21.87
C GLU B 255 -20.17 21.34 22.24
N GLY B 256 -20.26 20.16 21.63
CA GLY B 256 -21.29 19.22 22.01
C GLY B 256 -21.25 17.98 21.14
N ASP B 257 -22.36 17.25 21.20
CA ASP B 257 -22.46 15.91 20.63
C ASP B 257 -23.71 15.87 19.76
N PHE B 258 -23.52 15.77 18.42
CA PHE B 258 -24.73 15.86 17.60
C PHE B 258 -25.64 14.63 17.69
N PHE B 259 -25.41 13.64 18.55
CA PHE B 259 -26.46 12.67 18.83
C PHE B 259 -27.42 13.15 19.92
N GLU B 260 -27.03 14.15 20.71
CA GLU B 260 -27.89 14.76 21.70
C GLU B 260 -28.74 15.86 21.06
N PRO B 261 -29.78 16.35 21.73
CA PRO B 261 -30.53 17.48 21.17
C PRO B 261 -29.58 18.62 20.80
N LEU B 262 -29.78 19.19 19.62
CA LEU B 262 -28.85 20.21 19.14
C LEU B 262 -28.99 21.47 19.99
N PRO B 263 -27.95 22.30 20.09
CA PRO B 263 -28.01 23.42 21.05
C PRO B 263 -28.98 24.51 20.66
N ARG B 264 -29.51 24.49 19.44
CA ARG B 264 -30.26 25.63 18.96
C ARG B 264 -30.98 25.25 17.67
N LYS B 265 -32.06 25.97 17.35
CA LYS B 265 -32.79 25.78 16.11
C LYS B 265 -32.25 26.67 15.00
N ALA B 266 -32.56 26.30 13.75
CA ALA B 266 -32.01 27.04 12.63
C ALA B 266 -32.88 26.88 11.38
N ASP B 267 -32.67 27.80 10.44
CA ASP B 267 -33.35 27.76 9.16
C ASP B 267 -32.63 26.89 8.15
N ALA B 268 -31.30 26.80 8.24
CA ALA B 268 -30.51 25.89 7.43
C ALA B 268 -29.57 25.14 8.34
N ILE B 269 -29.58 23.80 8.25
CA ILE B 269 -28.69 22.95 9.02
C ILE B 269 -27.79 22.20 8.04
N ILE B 270 -26.48 22.32 8.25
CA ILE B 270 -25.47 21.82 7.32
C ILE B 270 -24.91 20.50 7.85
N LEU B 271 -24.78 19.53 6.95
CA LEU B 271 -24.05 18.29 7.21
C LEU B 271 -23.06 18.15 6.05
N SER B 272 -21.83 18.61 6.27
CA SER B 272 -20.79 18.65 5.24
C SER B 272 -19.76 17.59 5.60
N PHE B 273 -19.69 16.53 4.80
CA PHE B 273 -18.75 15.44 5.04
C PHE B 273 -18.85 14.93 6.49
N VAL B 274 -20.09 14.72 6.93
CA VAL B 274 -20.37 14.15 8.26
C VAL B 274 -21.02 12.77 8.13
N LEU B 275 -22.08 12.64 7.33
CA LEU B 275 -22.86 11.41 7.32
C LEU B 275 -22.07 10.22 6.79
N LEU B 276 -21.12 10.45 5.88
CA LEU B 276 -20.33 9.34 5.35
C LEU B 276 -19.49 8.67 6.42
N ASN B 277 -19.21 9.36 7.54
CA ASN B 277 -18.53 8.74 8.68
C ASN B 277 -19.40 7.72 9.43
N TRP B 278 -20.66 7.56 9.07
CA TRP B 278 -21.57 6.85 9.96
C TRP B 278 -22.36 5.77 9.23
N PRO B 279 -22.60 4.63 9.88
CA PRO B 279 -23.53 3.64 9.32
C PRO B 279 -24.96 4.16 9.32
N ASP B 280 -25.81 3.46 8.55
CA ASP B 280 -27.16 3.93 8.29
C ASP B 280 -27.90 4.35 9.55
N HIS B 281 -27.89 3.50 10.59
CA HIS B 281 -28.67 3.83 11.78
C HIS B 281 -28.14 5.07 12.48
N ASP B 282 -26.82 5.29 12.47
CA ASP B 282 -26.30 6.49 13.09
C ASP B 282 -26.60 7.73 12.24
N ALA B 283 -26.55 7.59 10.92
CA ALA B 283 -26.85 8.72 10.05
C ALA B 283 -28.31 9.14 10.17
N VAL B 284 -29.20 8.17 10.32
CA VAL B 284 -30.61 8.51 10.55
C VAL B 284 -30.77 9.31 11.84
N ARG B 285 -30.06 8.91 12.90
CA ARG B 285 -30.14 9.63 14.17
C ARG B 285 -29.67 11.08 14.02
N ILE B 286 -28.52 11.28 13.36
CA ILE B 286 -28.03 12.64 13.11
C ILE B 286 -29.07 13.43 12.30
N LEU B 287 -29.51 12.85 11.17
CA LEU B 287 -30.54 13.51 10.35
C LEU B 287 -31.81 13.77 11.16
N THR B 288 -32.16 12.85 12.05
CA THR B 288 -33.32 13.10 12.90
C THR B 288 -33.08 14.28 13.84
N ARG B 289 -31.90 14.34 14.44
CA ARG B 289 -31.59 15.47 15.34
C ARG B 289 -31.66 16.80 14.60
N CYS B 290 -31.24 16.82 13.33
CA CYS B 290 -31.35 18.03 12.53
C CYS B 290 -32.81 18.36 12.21
N ALA B 291 -33.60 17.33 11.86
CA ALA B 291 -35.01 17.57 11.56
C ALA B 291 -35.76 18.15 12.76
N GLU B 292 -35.44 17.69 13.97
CA GLU B 292 -36.03 18.24 15.20
C GLU B 292 -35.68 19.70 15.39
N ALA B 293 -34.55 20.15 14.85
CA ALA B 293 -34.04 21.49 15.08
C ALA B 293 -34.40 22.47 13.98
N LEU B 294 -35.14 22.04 12.95
CA LEU B 294 -35.48 22.95 11.86
C LEU B 294 -36.55 23.94 12.29
N GLU B 295 -36.32 25.22 11.97
CA GLU B 295 -37.38 26.22 11.98
C GLU B 295 -38.43 25.89 10.94
N PRO B 296 -39.64 26.42 11.07
CA PRO B 296 -40.62 26.28 9.98
C PRO B 296 -40.02 26.71 8.65
N GLY B 297 -40.29 25.94 7.61
CA GLY B 297 -39.71 26.21 6.31
C GLY B 297 -38.23 25.89 6.17
N GLY B 298 -37.59 25.44 7.24
CA GLY B 298 -36.16 25.20 7.19
C GLY B 298 -35.79 24.03 6.29
N ARG B 299 -34.48 23.89 6.04
CA ARG B 299 -33.96 22.83 5.20
C ARG B 299 -32.69 22.25 5.82
N ILE B 300 -32.38 21.01 5.45
CA ILE B 300 -31.11 20.37 5.79
C ILE B 300 -30.27 20.32 4.51
N LEU B 301 -29.03 20.79 4.61
CA LEU B 301 -28.11 20.81 3.46
C LEU B 301 -27.03 19.77 3.66
N ILE B 302 -26.94 18.81 2.74
CA ILE B 302 -25.91 17.78 2.78
C ILE B 302 -24.88 18.12 1.70
N HIS B 303 -23.63 18.26 2.11
CA HIS B 303 -22.49 18.52 1.23
C HIS B 303 -21.65 17.26 1.23
N GLU B 304 -21.62 16.55 0.12
CA GLU B 304 -20.95 15.26 0.00
C GLU B 304 -20.95 14.86 -1.48
N ARG B 305 -20.69 13.58 -1.73
CA ARG B 305 -20.85 12.99 -3.05
C ARG B 305 -22.23 12.34 -3.21
N ASP B 306 -22.67 12.21 -4.47
CA ASP B 306 -23.96 11.60 -4.74
C ASP B 306 -24.00 10.89 -6.09
N ASP B 307 -22.90 10.32 -6.48
CA ASP B 307 -22.84 9.63 -7.71
C ASP B 307 -23.99 8.62 -7.91
N LEU B 308 -24.61 8.67 -9.08
CA LEU B 308 -25.51 7.58 -9.41
C LEU B 308 -24.74 6.28 -9.31
N HIS B 309 -25.41 5.22 -8.86
CA HIS B 309 -24.73 3.94 -8.71
C HIS B 309 -23.96 3.57 -9.97
N GLU B 310 -24.57 3.76 -11.15
CA GLU B 310 -23.90 3.42 -12.40
C GLU B 310 -22.67 4.30 -12.67
N ASN B 311 -22.51 5.43 -11.99
CA ASN B 311 -21.36 6.30 -12.16
C ASN B 311 -20.35 6.19 -11.03
N SER B 312 -20.62 5.35 -10.03
CA SER B 312 -19.84 5.32 -8.80
C SER B 312 -18.60 4.43 -8.89
N PHE B 313 -18.43 3.67 -9.97
CA PHE B 313 -17.27 2.78 -10.12
C PHE B 313 -16.06 3.57 -10.61
N ASN B 314 -15.64 4.53 -9.78
CA ASN B 314 -14.57 5.46 -10.12
C ASN B 314 -13.70 5.66 -8.89
N GLU B 315 -12.44 6.06 -9.15
CA GLU B 315 -11.44 6.10 -8.07
C GLU B 315 -11.75 7.11 -6.98
N GLN B 316 -12.39 8.24 -7.30
CA GLN B 316 -12.73 9.19 -6.24
C GLN B 316 -13.78 8.61 -5.30
N PHE B 317 -14.88 8.06 -5.85
CA PHE B 317 -15.89 7.43 -4.99
C PHE B 317 -15.26 6.34 -4.13
N THR B 318 -14.41 5.49 -4.72
CA THR B 318 -13.96 4.31 -3.99
C THR B 318 -12.91 4.65 -2.93
N GLU B 319 -12.02 5.60 -3.22
CA GLU B 319 -11.08 6.06 -2.19
C GLU B 319 -11.82 6.52 -0.94
N LEU B 320 -12.77 7.44 -1.10
CA LEU B 320 -13.48 7.95 0.06
C LEU B 320 -14.36 6.86 0.68
N ASP B 321 -15.05 6.08 -0.13
CA ASP B 321 -15.95 5.08 0.42
C ASP B 321 -15.17 4.01 1.20
N LEU B 322 -14.06 3.52 0.64
CA LEU B 322 -13.31 2.46 1.32
C LEU B 322 -12.59 2.98 2.56
N ARG B 323 -12.17 4.25 2.57
CA ARG B 323 -11.63 4.84 3.79
C ARG B 323 -12.67 4.83 4.90
N MET B 324 -13.90 5.25 4.58
CA MET B 324 -14.96 5.27 5.59
C MET B 324 -15.26 3.89 6.11
N LEU B 325 -15.17 2.88 5.25
CA LEU B 325 -15.34 1.51 5.69
C LEU B 325 -14.32 1.16 6.77
N VAL B 326 -13.03 1.37 6.49
CA VAL B 326 -12.01 0.82 7.39
C VAL B 326 -11.70 1.78 8.53
N PHE B 327 -11.88 3.11 8.33
CA PHE B 327 -11.67 4.05 9.44
C PHE B 327 -12.79 3.97 10.45
N LEU B 328 -14.04 3.93 9.97
CA LEU B 328 -15.21 4.25 10.78
C LEU B 328 -16.40 3.33 10.60
N GLY B 329 -16.42 2.45 9.60
CA GLY B 329 -17.63 1.74 9.29
C GLY B 329 -18.73 2.61 8.68
N GLY B 330 -18.38 3.80 8.23
CA GLY B 330 -19.29 4.62 7.46
C GLY B 330 -19.27 4.20 6.01
N ALA B 331 -19.71 5.11 5.14
CA ALA B 331 -19.86 4.77 3.73
C ALA B 331 -20.27 6.00 2.92
N LEU B 332 -19.80 6.05 1.67
CA LEU B 332 -20.41 6.92 0.70
C LEU B 332 -21.77 6.37 0.28
N ARG B 333 -22.68 7.27 -0.04
CA ARG B 333 -24.02 6.88 -0.46
C ARG B 333 -24.24 7.35 -1.88
N THR B 334 -24.68 6.43 -2.73
CA THR B 334 -25.09 6.78 -4.09
C THR B 334 -26.32 7.68 -4.05
N ARG B 335 -26.63 8.24 -5.23
CA ARG B 335 -27.86 9.01 -5.38
C ARG B 335 -29.06 8.20 -4.93
N GLU B 336 -29.14 6.94 -5.37
CA GLU B 336 -30.27 6.08 -5.01
C GLU B 336 -30.34 5.88 -3.50
N LYS B 337 -29.19 5.66 -2.86
CA LYS B 337 -29.20 5.41 -1.43
C LYS B 337 -29.53 6.64 -0.60
N TRP B 338 -29.29 7.86 -1.12
CA TRP B 338 -29.72 9.07 -0.40
C TRP B 338 -31.24 9.12 -0.25
N ASP B 339 -31.97 8.61 -1.24
CA ASP B 339 -33.43 8.62 -1.14
C ASP B 339 -33.91 7.71 -0.03
N GLY B 340 -33.32 6.51 0.09
CA GLY B 340 -33.68 5.61 1.17
C GLY B 340 -33.40 6.18 2.54
N LEU B 341 -32.18 6.71 2.75
CA LEU B 341 -31.78 7.22 4.06
C LEU B 341 -32.61 8.44 4.44
N ALA B 342 -32.88 9.32 3.48
CA ALA B 342 -33.79 10.44 3.73
C ALA B 342 -35.14 9.94 4.22
N ALA B 343 -35.67 8.90 3.58
CA ALA B 343 -36.99 8.40 3.93
C ALA B 343 -37.00 7.84 5.35
N SER B 344 -35.91 7.19 5.76
CA SER B 344 -35.82 6.65 7.11
C SER B 344 -35.85 7.74 8.17
N ALA B 345 -35.38 8.94 7.84
CA ALA B 345 -35.37 10.03 8.80
C ALA B 345 -36.61 10.89 8.72
N GLY B 346 -37.57 10.53 7.88
CA GLY B 346 -38.74 11.38 7.68
C GLY B 346 -38.45 12.57 6.79
N LEU B 347 -37.55 12.42 5.82
CA LEU B 347 -37.16 13.51 4.94
C LEU B 347 -37.29 13.06 3.50
N VAL B 348 -37.21 14.03 2.60
CA VAL B 348 -37.13 13.78 1.16
C VAL B 348 -36.02 14.64 0.58
N VAL B 349 -35.28 14.10 -0.39
CA VAL B 349 -34.32 14.92 -1.11
C VAL B 349 -35.12 15.87 -2.00
N GLU B 350 -35.13 17.15 -1.63
CA GLU B 350 -35.93 18.13 -2.36
C GLU B 350 -35.26 18.57 -3.66
N GLU B 351 -33.95 18.82 -3.62
CA GLU B 351 -33.22 19.11 -4.85
C GLU B 351 -31.74 18.82 -4.63
N VAL B 352 -31.05 18.70 -5.73
CA VAL B 352 -29.62 18.41 -5.75
C VAL B 352 -28.97 19.40 -6.71
N ARG B 353 -27.83 19.96 -6.32
CA ARG B 353 -27.06 20.82 -7.20
C ARG B 353 -25.64 20.30 -7.29
N GLN B 354 -25.20 19.98 -8.51
CA GLN B 354 -23.80 19.66 -8.74
C GLN B 354 -22.95 20.90 -8.53
N LEU B 355 -21.78 20.69 -7.93
CA LEU B 355 -20.89 21.77 -7.55
C LEU B 355 -19.69 21.83 -8.48
N PRO B 356 -19.29 23.00 -8.96
CA PRO B 356 -18.07 23.10 -9.76
C PRO B 356 -16.81 22.90 -8.90
N SER B 357 -15.72 22.59 -9.59
CA SER B 357 -14.45 22.38 -8.88
C SER B 357 -13.33 23.26 -9.45
N ASP B 363 -15.95 15.67 -7.91
CA ASP B 363 -17.25 16.28 -8.24
C ASP B 363 -18.25 16.11 -7.11
N LEU B 364 -18.56 17.21 -6.44
CA LEU B 364 -19.35 17.20 -5.23
C LEU B 364 -20.76 17.69 -5.51
N SER B 365 -21.61 17.59 -4.51
CA SER B 365 -23.01 17.97 -4.63
C SER B 365 -23.49 18.61 -3.33
N LEU B 366 -24.46 19.50 -3.48
CA LEU B 366 -25.27 19.98 -2.37
C LEU B 366 -26.65 19.35 -2.51
N LEU B 367 -27.04 18.57 -1.50
CA LEU B 367 -28.37 17.97 -1.45
C LEU B 367 -29.18 18.72 -0.41
N VAL B 368 -30.38 19.12 -0.80
CA VAL B 368 -31.29 19.89 0.04
C VAL B 368 -32.42 18.96 0.47
N LEU B 369 -32.60 18.81 1.79
CA LEU B 369 -33.58 17.90 2.36
C LEU B 369 -34.67 18.64 3.11
N ALA B 370 -35.92 18.36 2.79
CA ALA B 370 -37.07 18.92 3.47
C ALA B 370 -37.82 17.83 4.24
N PRO B 371 -38.64 18.21 5.23
CA PRO B 371 -39.50 17.22 5.88
C PRO B 371 -40.40 16.51 4.88
N ALA B 372 -40.52 15.20 5.03
CA ALA B 372 -41.44 14.42 4.23
C ALA B 372 -42.88 14.66 4.69
C01 S8M C . 21.13 -22.98 4.57
N02 S8M C . 20.16 -22.41 3.83
C03 S8M C . 19.56 -21.24 4.18
C04 S8M C . 20.01 -20.63 5.34
C05 S8M C . 21.05 -21.26 6.12
N06 S8M C . 21.57 -22.43 5.71
N07 S8M C . 21.51 -20.62 7.34
N08 S8M C . 19.28 -19.47 5.49
C09 S8M C . 18.42 -19.34 4.46
N10 S8M C . 18.58 -20.42 3.64
C11 S8M C . 17.84 -20.65 2.45
C12 S8M C . 16.35 -20.45 2.60
C13 S8M C . 15.84 -20.08 1.27
C14 S8M C . 17.08 -19.67 0.49
O15 S8M C . 18.18 -19.68 1.45
C16 S8M C . 16.93 -18.34 -0.05
S17 S8M C . 15.63 -18.29 -1.27
C18 S8M C . 16.35 -18.81 -2.82
C19 S8M C . 15.85 -20.28 -3.12
C20 S8M C . 16.36 -20.86 -4.42
C21 S8M C . 15.86 -20.03 -5.59
N22 S8M C . 14.60 -19.65 -5.81
N23 S8M C . 14.56 -18.94 -6.96
N24 S8M C . 15.83 -18.88 -7.47
N25 S8M C . 16.64 -19.55 -6.64
N26 S8M C . 17.78 -20.87 -4.42
O27 S8M C . 15.18 -21.17 0.69
O28 S8M C . 15.73 -21.65 3.01
C01 S8M D . -20.23 16.61 17.20
N02 S8M D . -19.36 16.52 16.19
C03 S8M D . -18.85 15.34 15.79
C04 S8M D . -19.29 14.18 16.44
C05 S8M D . -20.24 14.31 17.52
N06 S8M D . -20.66 15.53 17.85
N07 S8M D . -20.74 13.15 18.26
N08 S8M D . -18.63 13.13 15.83
C09 S8M D . -17.84 13.61 14.83
N10 S8M D . -17.98 14.97 14.79
C11 S8M D . -17.32 15.85 13.90
C12 S8M D . -15.84 15.64 13.86
C13 S8M D . -15.40 16.03 12.51
C14 S8M D . -16.68 16.07 11.69
O15 S8M D . -17.74 15.59 12.55
C16 S8M D . -16.57 15.28 10.46
S17 S8M D . -15.32 15.89 9.36
C18 S8M D . -16.04 17.09 8.27
C19 S8M D . -15.74 18.51 8.88
C20 S8M D . -16.31 19.67 8.11
C21 S8M D . -15.84 19.58 6.68
N22 S8M D . -16.62 19.65 5.60
N23 S8M D . -15.82 19.55 4.51
N24 S8M D . -14.53 19.39 4.93
N25 S8M D . -14.53 19.40 6.27
N26 S8M D . -17.73 19.63 8.13
O27 S8M D . -14.77 17.29 12.54
O28 S8M D . -15.19 16.46 14.84
#